data_6KNI
#
_entry.id   6KNI
#
_cell.length_a   176.608
_cell.length_b   80.311
_cell.length_c   111.826
_cell.angle_alpha   90.00
_cell.angle_beta   102.15
_cell.angle_gamma   90.00
#
_symmetry.space_group_name_H-M   'C 1 2 1'
#
loop_
_entity.id
_entity.type
_entity.pdbx_description
1 polymer 'Probable diaminopimelate decarboxylase protein'
2 non-polymer "PYRIDOXAL-5'-PHOSPHATE"
3 water water
#
_entity_poly.entity_id   1
_entity_poly.type   'polypeptide(L)'
_entity_poly.pdbx_seq_one_letter_code
;MRIVQPVIEQLKAQSHPVCHYIYDLVGLEHHLQHITSSLPSNCQMYYAMKANSERTILDTISQYVEGFEVASQGEIAKGL
AFKPANHIIFGGPGKTDEELRYAVSEGVQRIHVESMHELQRLNAILEDEDKTQHILLRVNLAGPFPNATLHMAGRPTQFG
ISEDEVDDVIEAALVMPNIHLDGFHFHSISNNLDSNLHVDVVKLYFKKAKSWSEKHRFPLKHINLGGGIGVNYADLTSQF
EWDNFVENFKTLIVEQEMEDVTLNFECGRFIVAHIGYYVTEVLDIKKVHGAWYAILRGGTQQFRLPVSWQHNHPFEIYRY
KDNPYSFEKVSISRQDTTLVGQLCTPKDVFAREVQIDAISTGDVIVFKYAGAYGWSISHHDFLSHPHPEFIYLTQTKEDE
HHHHHH
;
_entity_poly.pdbx_strand_id   A,B,C
#
loop_
_chem_comp.id
_chem_comp.type
_chem_comp.name
_chem_comp.formula
PLP non-polymer PYRIDOXAL-5'-PHOSPHATE 'C8 H10 N O6 P'
#
# COMPACT_ATOMS: atom_id res chain seq x y z
N ARG A 2 33.98 -24.96 17.23
CA ARG A 2 33.06 -23.78 17.16
C ARG A 2 33.82 -22.49 16.86
N ILE A 3 33.34 -21.76 15.85
CA ILE A 3 33.96 -20.53 15.41
C ILE A 3 33.70 -19.38 16.40
N VAL A 4 32.48 -19.27 16.91
CA VAL A 4 32.09 -18.12 17.75
C VAL A 4 32.42 -18.27 19.24
N GLN A 5 32.70 -19.48 19.70
CA GLN A 5 32.85 -19.72 21.15
C GLN A 5 34.04 -19.02 21.82
N PRO A 6 35.24 -19.04 21.18
CA PRO A 6 36.36 -18.25 21.71
C PRO A 6 36.06 -16.75 21.89
N VAL A 7 35.28 -16.19 20.96
CA VAL A 7 34.88 -14.78 21.02
C VAL A 7 33.92 -14.54 22.19
N ILE A 8 32.98 -15.46 22.39
CA ILE A 8 32.01 -15.36 23.49
C ILE A 8 32.72 -15.47 24.85
N GLU A 9 33.68 -16.39 24.95
CA GLU A 9 34.50 -16.53 26.17
C GLU A 9 35.31 -15.28 26.49
N GLN A 10 35.93 -14.68 25.47
CA GLN A 10 36.67 -13.42 25.65
C GLN A 10 35.76 -12.29 26.12
N LEU A 11 34.58 -12.15 25.50
CA LEU A 11 33.60 -11.14 25.90
C LEU A 11 33.13 -11.31 27.35
N LYS A 12 32.80 -12.56 27.71
CA LYS A 12 32.44 -12.90 29.09
C LYS A 12 33.59 -12.63 30.08
N ALA A 13 34.82 -12.99 29.70
CA ALA A 13 36.00 -12.77 30.55
C ALA A 13 36.28 -11.28 30.82
N GLN A 14 36.07 -10.44 29.81
CA GLN A 14 36.26 -8.98 29.94
C GLN A 14 35.04 -8.22 30.47
N SER A 15 33.98 -8.92 30.88
CA SER A 15 32.72 -8.30 31.33
C SER A 15 32.09 -7.36 30.29
N HIS A 16 32.26 -7.69 29.00
CA HIS A 16 31.61 -6.97 27.91
C HIS A 16 30.26 -7.61 27.67
N PRO A 17 29.20 -6.79 27.50
CA PRO A 17 27.91 -7.37 27.11
C PRO A 17 27.97 -8.10 25.77
N VAL A 18 27.20 -9.18 25.65
CA VAL A 18 27.16 -9.98 24.42
C VAL A 18 25.93 -9.59 23.62
N CYS A 19 26.16 -8.80 22.59
CA CYS A 19 25.19 -8.53 21.54
C CYS A 19 25.94 -8.15 20.27
N HIS A 20 26.26 -9.16 19.46
CA HIS A 20 27.23 -9.04 18.38
C HIS A 20 26.78 -9.74 17.10
N TYR A 21 27.15 -9.15 15.96
CA TYR A 21 27.27 -9.92 14.73
C TYR A 21 28.71 -10.38 14.64
N ILE A 22 28.89 -11.66 14.34
CA ILE A 22 30.22 -12.24 14.16
C ILE A 22 30.25 -12.90 12.79
N TYR A 23 31.28 -12.60 12.01
CA TYR A 23 31.46 -13.14 10.66
C TYR A 23 32.77 -13.93 10.53
N ASP A 24 32.68 -15.10 9.91
CA ASP A 24 33.83 -15.96 9.64
C ASP A 24 34.36 -15.64 8.25
N LEU A 25 35.35 -14.76 8.17
CA LEU A 25 35.92 -14.35 6.88
C LEU A 25 36.73 -15.46 6.21
N VAL A 26 37.29 -16.38 7.00
CA VAL A 26 38.06 -17.50 6.44
C VAL A 26 37.09 -18.43 5.68
N GLY A 27 36.00 -18.79 6.33
CA GLY A 27 34.90 -19.53 5.71
C GLY A 27 34.35 -18.83 4.47
N LEU A 28 34.24 -17.51 4.53
CA LEU A 28 33.77 -16.72 3.39
C LEU A 28 34.71 -16.85 2.19
N GLU A 29 36.01 -16.69 2.45
CA GLU A 29 37.02 -16.80 1.39
C GLU A 29 37.09 -18.20 0.77
N HIS A 30 36.96 -19.23 1.59
CA HIS A 30 36.90 -20.62 1.10
C HIS A 30 35.68 -20.87 0.22
N HIS A 31 34.53 -20.38 0.67
CA HIS A 31 33.28 -20.46 -0.08
C HIS A 31 33.41 -19.76 -1.43
N LEU A 32 33.95 -18.54 -1.42
CA LEU A 32 34.15 -17.75 -2.64
C LEU A 32 35.14 -18.42 -3.61
N GLN A 33 36.28 -18.86 -3.09
CA GLN A 33 37.28 -19.60 -3.89
C GLN A 33 36.63 -20.76 -4.64
N HIS A 34 35.89 -21.58 -3.90
CA HIS A 34 35.18 -22.73 -4.46
C HIS A 34 34.22 -22.35 -5.58
N ILE A 35 33.35 -21.38 -5.30
CA ILE A 35 32.33 -20.92 -6.25
C ILE A 35 32.96 -20.37 -7.54
N THR A 36 33.88 -19.42 -7.38
CA THR A 36 34.47 -18.71 -8.52
C THR A 36 35.38 -19.61 -9.38
N SER A 37 36.14 -20.49 -8.74
CA SER A 37 37.02 -21.42 -9.47
C SER A 37 36.23 -22.51 -10.22
N SER A 38 35.02 -22.82 -9.74
CA SER A 38 34.19 -23.87 -10.35
C SER A 38 33.48 -23.46 -11.64
N LEU A 39 33.24 -22.16 -11.84
CA LEU A 39 32.44 -21.71 -12.99
C LEU A 39 33.18 -21.88 -14.32
N PRO A 40 32.40 -22.04 -15.43
CA PRO A 40 33.01 -22.03 -16.75
C PRO A 40 33.55 -20.64 -17.10
N SER A 41 34.52 -20.60 -17.99
CA SER A 41 35.27 -19.37 -18.27
C SER A 41 34.43 -18.21 -18.84
N ASN A 42 33.29 -18.55 -19.46
CA ASN A 42 32.35 -17.52 -19.96
C ASN A 42 31.27 -17.07 -18.96
N CYS A 43 31.36 -17.52 -17.71
CA CYS A 43 30.41 -17.11 -16.66
C CYS A 43 31.16 -16.62 -15.42
N GLN A 44 30.75 -15.47 -14.91
CA GLN A 44 31.34 -14.87 -13.70
C GLN A 44 30.29 -14.66 -12.62
N MET A 45 30.73 -14.70 -11.37
CA MET A 45 29.89 -14.39 -10.22
C MET A 45 30.03 -12.91 -9.88
N TYR A 46 28.89 -12.23 -9.77
CA TYR A 46 28.81 -10.90 -9.16
C TYR A 46 28.13 -11.07 -7.82
N TYR A 47 28.46 -10.20 -6.87
CA TYR A 47 27.83 -10.23 -5.57
C TYR A 47 26.74 -9.18 -5.54
N ALA A 48 25.52 -9.62 -5.22
CA ALA A 48 24.38 -8.74 -5.03
C ALA A 48 24.42 -8.21 -3.61
N MET A 49 24.91 -6.98 -3.44
CA MET A 49 25.31 -6.50 -2.13
C MET A 49 24.18 -6.19 -1.15
N LYS A 50 22.93 -6.16 -1.59
CA LYS A 50 21.80 -5.90 -0.68
C LYS A 50 21.66 -6.94 0.43
N ALA A 51 22.14 -8.15 0.17
CA ALA A 51 22.23 -9.21 1.18
C ALA A 51 23.06 -8.80 2.41
N ASN A 52 24.18 -8.12 2.15
CA ASN A 52 25.11 -7.65 3.19
C ASN A 52 26.14 -6.71 2.54
N SER A 53 26.02 -5.40 2.80
CA SER A 53 26.93 -4.39 2.24
C SER A 53 27.83 -3.73 3.28
N GLU A 54 28.09 -4.46 4.36
CA GLU A 54 29.09 -4.04 5.35
C GLU A 54 30.46 -3.95 4.65
N ARG A 55 31.20 -2.87 4.92
CA ARG A 55 32.45 -2.58 4.20
C ARG A 55 33.47 -3.72 4.30
N THR A 56 33.62 -4.31 5.48
CA THR A 56 34.53 -5.45 5.65
C THR A 56 34.08 -6.68 4.82
N ILE A 57 32.77 -6.89 4.71
CA ILE A 57 32.23 -7.97 3.87
C ILE A 57 32.51 -7.70 2.39
N LEU A 58 32.24 -6.47 1.94
CA LEU A 58 32.50 -6.09 0.54
C LEU A 58 33.97 -6.22 0.18
N ASP A 59 34.84 -5.82 1.10
CA ASP A 59 36.29 -5.88 0.89
C ASP A 59 36.79 -7.31 0.69
N THR A 60 36.37 -8.21 1.56
CA THR A 60 36.67 -9.65 1.43
C THR A 60 36.10 -10.24 0.14
N ILE A 61 34.85 -9.93 -0.17
CA ILE A 61 34.18 -10.44 -1.37
C ILE A 61 34.81 -9.92 -2.67
N SER A 62 35.20 -8.65 -2.71
CA SER A 62 35.80 -8.04 -3.92
C SER A 62 37.11 -8.69 -4.40
N GLN A 63 37.80 -9.41 -3.52
CA GLN A 63 39.00 -10.17 -3.89
C GLN A 63 38.71 -11.34 -4.85
N TYR A 64 37.48 -11.85 -4.83
CA TYR A 64 37.11 -13.08 -5.55
C TYR A 64 36.12 -12.89 -6.70
N VAL A 65 35.09 -12.09 -6.48
CA VAL A 65 34.07 -11.90 -7.51
C VAL A 65 34.54 -11.01 -8.64
N GLU A 66 33.91 -11.15 -9.79
CA GLU A 66 34.12 -10.27 -10.93
C GLU A 66 33.69 -8.84 -10.63
N GLY A 67 32.63 -8.68 -9.86
CA GLY A 67 32.16 -7.35 -9.51
C GLY A 67 30.95 -7.37 -8.60
N PHE A 68 30.31 -6.22 -8.46
CA PHE A 68 29.12 -6.08 -7.64
C PHE A 68 27.89 -5.77 -8.47
N GLU A 69 26.77 -6.39 -8.10
CA GLU A 69 25.47 -5.95 -8.53
C GLU A 69 24.98 -4.96 -7.50
N VAL A 70 24.40 -3.85 -7.98
CA VAL A 70 23.96 -2.75 -7.13
C VAL A 70 22.60 -2.26 -7.59
N ALA A 71 21.84 -1.67 -6.68
CA ALA A 71 20.49 -1.20 -7.00
C ALA A 71 20.13 0.18 -6.46
N SER A 72 21.15 0.97 -6.12
CA SER A 72 20.95 2.38 -5.79
C SER A 72 22.26 3.17 -5.90
N GLN A 73 22.15 4.49 -5.79
CA GLN A 73 23.33 5.35 -5.76
C GLN A 73 24.22 5.06 -4.54
N GLY A 74 23.60 4.73 -3.41
CA GLY A 74 24.35 4.32 -2.23
C GLY A 74 25.15 3.03 -2.46
N GLU A 75 24.55 2.06 -3.15
CA GLU A 75 25.26 0.80 -3.42
C GLU A 75 26.36 0.98 -4.47
N ILE A 76 26.14 1.85 -5.45
CA ILE A 76 27.18 2.21 -6.43
C ILE A 76 28.39 2.79 -5.68
N ALA A 77 28.11 3.76 -4.81
CA ALA A 77 29.13 4.38 -3.96
C ALA A 77 29.92 3.34 -3.19
N LYS A 78 29.23 2.40 -2.54
CA LYS A 78 29.89 1.32 -1.79
C LYS A 78 30.74 0.42 -2.69
N GLY A 79 30.18 0.04 -3.83
CA GLY A 79 30.90 -0.79 -4.78
C GLY A 79 32.16 -0.14 -5.30
N LEU A 80 32.09 1.17 -5.55
CA LEU A 80 33.23 1.95 -6.05
C LEU A 80 34.41 2.05 -5.09
N ALA A 81 34.18 1.80 -3.80
CA ALA A 81 35.28 1.68 -2.83
C ALA A 81 36.16 0.44 -3.03
N PHE A 82 35.62 -0.61 -3.64
CA PHE A 82 36.36 -1.89 -3.79
C PHE A 82 36.47 -2.46 -5.21
N LYS A 83 35.72 -1.90 -6.16
CA LYS A 83 35.80 -2.30 -7.57
C LYS A 83 35.79 -1.05 -8.46
N PRO A 84 36.38 -1.14 -9.66
CA PRO A 84 36.16 -0.08 -10.65
C PRO A 84 34.71 -0.09 -11.17
N ALA A 85 34.25 1.06 -11.66
CA ALA A 85 32.89 1.21 -12.21
C ALA A 85 32.59 0.19 -13.31
N ASN A 86 33.57 -0.09 -14.17
CA ASN A 86 33.39 -1.05 -15.27
C ASN A 86 33.33 -2.53 -14.84
N HIS A 87 33.30 -2.79 -13.53
CA HIS A 87 32.87 -4.07 -12.97
C HIS A 87 31.70 -3.89 -11.97
N ILE A 88 30.89 -2.86 -12.19
CA ILE A 88 29.64 -2.66 -11.43
C ILE A 88 28.46 -2.70 -12.41
N ILE A 89 27.49 -3.55 -12.08
CA ILE A 89 26.26 -3.70 -12.87
C ILE A 89 25.07 -3.21 -12.01
N PHE A 90 24.17 -2.45 -12.62
CA PHE A 90 23.18 -1.64 -11.90
C PHE A 90 21.74 -2.01 -12.32
N GLY A 91 20.98 -2.58 -11.39
CA GLY A 91 19.58 -2.96 -11.60
C GLY A 91 18.62 -2.22 -10.69
N GLY A 92 17.32 -2.41 -10.92
CA GLY A 92 16.28 -1.86 -10.03
C GLY A 92 15.11 -1.28 -10.80
N PRO A 93 13.88 -1.44 -10.27
CA PRO A 93 12.68 -1.00 -10.98
C PRO A 93 12.40 0.51 -10.98
N GLY A 94 13.08 1.26 -10.12
CA GLY A 94 12.86 2.72 -10.03
C GLY A 94 14.16 3.50 -9.95
N LYS A 95 14.96 3.41 -11.00
CA LYS A 95 16.20 4.20 -11.09
C LYS A 95 15.85 5.66 -11.36
N THR A 96 16.25 6.53 -10.45
CA THR A 96 15.95 7.96 -10.56
C THR A 96 16.88 8.57 -11.60
N ASP A 97 16.48 9.73 -12.13
CA ASP A 97 17.34 10.50 -13.04
C ASP A 97 18.72 10.78 -12.43
N GLU A 98 18.73 11.07 -11.13
CA GLU A 98 19.98 11.30 -10.38
C GLU A 98 20.88 10.06 -10.39
N GLU A 99 20.27 8.89 -10.16
CA GLU A 99 21.00 7.62 -10.13
C GLU A 99 21.56 7.23 -11.48
N LEU A 100 20.75 7.43 -12.53
CA LEU A 100 21.16 7.13 -13.89
C LEU A 100 22.31 8.04 -14.34
N ARG A 101 22.17 9.35 -14.10
CA ARG A 101 23.24 10.30 -14.45
C ARG A 101 24.54 9.97 -13.70
N TYR A 102 24.42 9.66 -12.41
CA TYR A 102 25.55 9.21 -11.59
C TYR A 102 26.19 7.93 -12.15
N ALA A 103 25.36 6.94 -12.49
CA ALA A 103 25.83 5.69 -13.09
C ALA A 103 26.56 5.91 -14.43
N VAL A 104 25.99 6.78 -15.26
CA VAL A 104 26.55 7.13 -16.57
C VAL A 104 27.89 7.86 -16.37
N SER A 105 27.90 8.82 -15.46
CA SER A 105 29.09 9.61 -15.12
C SER A 105 30.26 8.74 -14.64
N GLU A 106 29.98 7.79 -13.75
CA GLU A 106 31.01 6.89 -13.23
C GLU A 106 31.47 5.86 -14.26
N GLY A 107 30.60 5.54 -15.22
CA GLY A 107 30.92 4.60 -16.29
C GLY A 107 30.68 3.16 -15.89
N VAL A 108 29.50 2.89 -15.30
CA VAL A 108 29.19 1.54 -14.84
C VAL A 108 29.14 0.56 -16.02
N GLN A 109 29.37 -0.72 -15.72
CA GLN A 109 29.53 -1.74 -16.76
C GLN A 109 28.26 -1.95 -17.57
N ARG A 110 27.15 -2.20 -16.87
CA ARG A 110 25.85 -2.32 -17.49
C ARG A 110 24.79 -1.71 -16.58
N ILE A 111 23.77 -1.11 -17.21
CA ILE A 111 22.52 -0.79 -16.54
C ILE A 111 21.50 -1.82 -17.02
N HIS A 112 20.81 -2.45 -16.07
CA HIS A 112 19.75 -3.41 -16.38
C HIS A 112 18.41 -2.67 -16.42
N VAL A 113 17.98 -2.35 -17.64
CA VAL A 113 16.79 -1.52 -17.85
C VAL A 113 15.52 -2.35 -17.63
N GLU A 114 14.58 -1.80 -16.86
CA GLU A 114 13.39 -2.52 -16.41
C GLU A 114 12.08 -2.05 -17.04
N SER A 115 12.12 -1.03 -17.90
CA SER A 115 10.92 -0.55 -18.55
C SER A 115 11.25 0.34 -19.74
N MET A 116 10.22 0.59 -20.57
CA MET A 116 10.32 1.53 -21.69
C MET A 116 10.61 2.95 -21.19
N HIS A 117 9.86 3.41 -20.19
CA HIS A 117 10.06 4.78 -19.67
C HIS A 117 11.47 4.98 -19.12
N GLU A 118 12.02 3.97 -18.45
CA GLU A 118 13.42 4.03 -17.98
C GLU A 118 14.41 4.11 -19.13
N LEU A 119 14.19 3.31 -20.17
CA LEU A 119 14.98 3.37 -21.40
C LEU A 119 14.99 4.80 -21.97
N GLN A 120 13.81 5.41 -22.05
CA GLN A 120 13.70 6.78 -22.55
C GLN A 120 14.34 7.81 -21.65
N ARG A 121 14.26 7.60 -20.32
CA ARG A 121 14.91 8.52 -19.38
C ARG A 121 16.43 8.39 -19.41
N LEU A 122 16.93 7.15 -19.44
CA LEU A 122 18.35 6.87 -19.61
C LEU A 122 18.88 7.50 -20.90
N ASN A 123 18.15 7.28 -21.99
CA ASN A 123 18.52 7.79 -23.32
C ASN A 123 18.66 9.32 -23.36
N ALA A 124 17.69 10.02 -22.76
CA ALA A 124 17.72 11.49 -22.67
C ALA A 124 18.96 12.00 -21.92
N ILE A 125 19.33 11.31 -20.84
CA ILE A 125 20.56 11.61 -20.09
C ILE A 125 21.80 11.36 -20.98
N LEU A 126 21.82 10.24 -21.69
CA LEU A 126 22.96 9.87 -22.53
C LEU A 126 23.16 10.84 -23.70
N GLU A 127 22.06 11.34 -24.25
CA GLU A 127 22.12 12.41 -25.26
C GLU A 127 22.60 13.72 -24.67
N ASP A 128 22.13 14.07 -23.47
CA ASP A 128 22.56 15.29 -22.79
C ASP A 128 24.04 15.28 -22.38
N GLU A 129 24.54 14.12 -21.96
CA GLU A 129 25.94 13.94 -21.55
C GLU A 129 26.85 13.63 -22.75
N ASP A 130 26.26 13.31 -23.90
CA ASP A 130 26.99 12.90 -25.09
C ASP A 130 27.83 11.64 -24.84
N LYS A 131 27.20 10.65 -24.20
CA LYS A 131 27.84 9.37 -23.89
C LYS A 131 26.96 8.21 -24.35
N THR A 132 27.56 7.03 -24.39
CA THR A 132 26.85 5.80 -24.69
C THR A 132 26.85 4.90 -23.46
N GLN A 133 25.98 3.90 -23.44
CA GLN A 133 25.86 2.98 -22.31
C GLN A 133 25.47 1.58 -22.77
N HIS A 134 26.23 0.58 -22.32
CA HIS A 134 25.86 -0.82 -22.49
C HIS A 134 24.73 -1.19 -21.51
N ILE A 135 23.68 -1.84 -22.03
CA ILE A 135 22.56 -2.24 -21.19
C ILE A 135 22.22 -3.70 -21.39
N LEU A 136 21.45 -4.22 -20.43
CA LEU A 136 20.64 -5.40 -20.65
C LEU A 136 19.20 -4.96 -20.50
N LEU A 137 18.27 -5.77 -21.01
CA LEU A 137 16.86 -5.56 -20.76
C LEU A 137 16.39 -6.61 -19.78
N ARG A 138 15.87 -6.17 -18.64
CA ARG A 138 15.34 -7.11 -17.67
C ARG A 138 13.97 -7.58 -18.10
N VAL A 139 13.84 -8.90 -18.20
CA VAL A 139 12.64 -9.55 -18.70
C VAL A 139 11.93 -10.24 -17.55
N ASN A 140 10.61 -10.06 -17.48
CA ASN A 140 9.73 -10.77 -16.56
C ASN A 140 8.99 -11.86 -17.35
N LEU A 141 9.56 -13.06 -17.38
CA LEU A 141 9.00 -14.16 -18.16
C LEU A 141 7.66 -14.63 -17.61
N ALA A 142 6.72 -14.89 -18.52
CA ALA A 142 5.45 -15.52 -18.19
C ALA A 142 5.68 -17.02 -17.96
N PRO A 156 2.97 -12.34 -11.17
CA PRO A 156 3.19 -10.96 -11.54
C PRO A 156 3.86 -10.17 -10.42
N THR A 157 5.00 -9.57 -10.73
CA THR A 157 5.69 -8.65 -9.81
C THR A 157 5.90 -7.33 -10.53
N GLN A 158 6.49 -6.36 -9.83
CA GLN A 158 6.79 -5.05 -10.40
C GLN A 158 8.09 -5.01 -11.24
N PHE A 159 8.80 -6.13 -11.36
CA PHE A 159 10.16 -6.15 -11.89
C PHE A 159 10.23 -6.45 -13.38
N GLY A 160 11.04 -5.67 -14.07
CA GLY A 160 11.39 -5.92 -15.46
C GLY A 160 10.26 -5.62 -16.43
N ILE A 161 10.48 -6.05 -17.67
CA ILE A 161 9.55 -5.83 -18.75
C ILE A 161 8.73 -7.11 -18.93
N SER A 162 7.41 -6.96 -18.90
CA SER A 162 6.48 -8.08 -19.13
C SER A 162 6.81 -8.74 -20.46
N GLU A 163 6.96 -10.06 -20.45
CA GLU A 163 7.37 -10.83 -21.64
C GLU A 163 6.79 -10.32 -22.96
N ASP A 164 5.47 -10.13 -23.02
CA ASP A 164 4.81 -9.70 -24.28
C ASP A 164 5.15 -8.27 -24.72
N GLU A 165 5.65 -7.44 -23.79
CA GLU A 165 6.12 -6.09 -24.11
C GLU A 165 7.59 -6.03 -24.56
N VAL A 166 8.34 -7.13 -24.41
CA VAL A 166 9.79 -7.13 -24.63
C VAL A 166 10.18 -6.74 -26.07
N ASP A 167 9.45 -7.29 -27.06
CA ASP A 167 9.70 -6.97 -28.48
C ASP A 167 9.77 -5.46 -28.74
N ASP A 168 8.79 -4.73 -28.19
CA ASP A 168 8.69 -3.28 -28.41
C ASP A 168 9.87 -2.51 -27.80
N VAL A 169 10.33 -2.94 -26.62
CA VAL A 169 11.45 -2.31 -25.94
C VAL A 169 12.77 -2.64 -26.65
N ILE A 170 12.90 -3.85 -27.21
CA ILE A 170 14.07 -4.19 -28.02
C ILE A 170 14.19 -3.26 -29.25
N GLU A 171 13.08 -3.12 -29.99
CA GLU A 171 13.04 -2.28 -31.20
C GLU A 171 13.35 -0.81 -30.90
N ALA A 172 12.80 -0.28 -29.81
CA ALA A 172 13.12 1.07 -29.34
C ALA A 172 14.60 1.21 -28.96
N ALA A 173 15.13 0.21 -28.27
CA ALA A 173 16.55 0.20 -27.85
C ALA A 173 17.50 0.16 -29.03
N LEU A 174 17.19 -0.65 -30.04
CA LEU A 174 18.04 -0.80 -31.24
C LEU A 174 18.09 0.45 -32.14
N VAL A 175 17.05 1.30 -32.11
CA VAL A 175 17.10 2.57 -32.86
C VAL A 175 17.75 3.73 -32.10
N MET A 176 18.06 3.54 -30.82
CA MET A 176 18.79 4.55 -30.04
C MET A 176 20.29 4.36 -30.24
N PRO A 177 20.96 5.32 -30.91
CA PRO A 177 22.42 5.19 -31.11
C PRO A 177 23.27 5.27 -29.81
N ASN A 178 22.79 6.00 -28.80
CA ASN A 178 23.48 6.07 -27.50
C ASN A 178 23.42 4.77 -26.68
N ILE A 179 22.55 3.84 -27.07
CA ILE A 179 22.35 2.58 -26.35
C ILE A 179 23.09 1.45 -27.07
N HIS A 180 23.86 0.67 -26.31
CA HIS A 180 24.42 -0.59 -26.81
C HIS A 180 23.69 -1.71 -26.09
N LEU A 181 22.89 -2.47 -26.84
CA LEU A 181 22.11 -3.56 -26.25
C LEU A 181 22.91 -4.87 -26.25
N ASP A 182 23.37 -5.30 -25.08
CA ASP A 182 24.19 -6.52 -24.95
C ASP A 182 23.40 -7.82 -24.92
N GLY A 183 22.14 -7.75 -24.46
CA GLY A 183 21.32 -8.94 -24.26
C GLY A 183 20.33 -8.74 -23.13
N PHE A 184 20.09 -9.79 -22.34
CA PHE A 184 18.96 -9.83 -21.43
C PHE A 184 19.35 -10.16 -20.00
N HIS A 185 18.44 -9.82 -19.09
CA HIS A 185 18.61 -10.03 -17.65
C HIS A 185 17.36 -10.71 -17.13
N PHE A 186 17.54 -11.85 -16.48
CA PHE A 186 16.45 -12.60 -15.85
C PHE A 186 16.76 -12.82 -14.38
N HIS A 187 15.82 -12.39 -13.52
CA HIS A 187 15.84 -12.74 -12.10
C HIS A 187 14.39 -12.97 -11.67
N SER A 188 13.97 -14.23 -11.73
CA SER A 188 12.56 -14.62 -11.58
C SER A 188 12.27 -15.58 -10.42
N ILE A 189 13.30 -15.97 -9.67
CA ILE A 189 13.13 -16.94 -8.58
C ILE A 189 13.94 -16.51 -7.36
N SER A 190 13.48 -16.93 -6.18
CA SER A 190 14.13 -16.59 -4.92
C SER A 190 14.23 -17.82 -4.01
N ASN A 191 15.35 -17.92 -3.30
CA ASN A 191 15.66 -19.01 -2.38
C ASN A 191 15.39 -20.45 -2.88
N ASN A 192 15.82 -20.73 -4.11
CA ASN A 192 15.70 -22.08 -4.66
C ASN A 192 16.78 -23.01 -4.13
N LEU A 193 16.36 -24.07 -3.45
CA LEU A 193 17.28 -25.11 -2.96
C LEU A 193 17.49 -26.28 -3.94
N ASP A 194 16.76 -26.29 -5.06
CA ASP A 194 16.75 -27.39 -6.02
C ASP A 194 17.66 -27.09 -7.23
N SER A 195 18.82 -27.72 -7.26
CA SER A 195 19.82 -27.45 -8.30
C SER A 195 19.38 -27.86 -9.70
N ASN A 196 18.64 -28.96 -9.82
CA ASN A 196 18.11 -29.41 -11.11
C ASN A 196 17.08 -28.44 -11.68
N LEU A 197 16.18 -27.96 -10.81
CA LEU A 197 15.23 -26.89 -11.19
C LEU A 197 15.96 -25.66 -11.69
N HIS A 198 17.05 -25.28 -11.02
CA HIS A 198 17.81 -24.09 -11.42
C HIS A 198 18.45 -24.22 -12.80
N VAL A 199 18.93 -25.42 -13.15
CA VAL A 199 19.47 -25.67 -14.49
C VAL A 199 18.37 -25.53 -15.55
N ASP A 200 17.19 -26.06 -15.24
CA ASP A 200 16.02 -25.95 -16.14
C ASP A 200 15.59 -24.51 -16.34
N VAL A 201 15.65 -23.71 -15.28
CA VAL A 201 15.35 -22.27 -15.39
C VAL A 201 16.39 -21.57 -16.27
N VAL A 202 17.67 -21.91 -16.11
CA VAL A 202 18.74 -21.33 -16.97
C VAL A 202 18.55 -21.73 -18.44
N LYS A 203 18.09 -22.96 -18.67
CA LYS A 203 17.73 -23.46 -20.00
C LYS A 203 16.66 -22.58 -20.66
N LEU A 204 15.61 -22.30 -19.90
CA LEU A 204 14.53 -21.40 -20.35
C LEU A 204 15.05 -20.00 -20.69
N TYR A 205 15.95 -19.46 -19.85
CA TYR A 205 16.58 -18.15 -20.11
C TYR A 205 17.40 -18.14 -21.39
N PHE A 206 18.15 -19.20 -21.64
CA PHE A 206 18.91 -19.34 -22.89
C PHE A 206 17.99 -19.32 -24.11
N LYS A 207 16.93 -20.13 -24.07
CA LYS A 207 16.00 -20.27 -25.19
C LYS A 207 15.28 -18.96 -25.54
N LYS A 208 14.86 -18.21 -24.52
CA LYS A 208 14.17 -16.93 -24.72
C LYS A 208 15.10 -15.85 -25.26
N ALA A 209 16.33 -15.81 -24.74
CA ALA A 209 17.33 -14.83 -25.19
C ALA A 209 17.79 -15.07 -26.64
N LYS A 210 18.07 -16.33 -26.97
CA LYS A 210 18.40 -16.72 -28.35
C LYS A 210 17.26 -16.39 -29.33
N SER A 211 16.01 -16.63 -28.90
CA SER A 211 14.85 -16.38 -29.74
C SER A 211 14.63 -14.90 -30.06
N TRP A 212 14.76 -14.03 -29.07
CA TRP A 212 14.67 -12.57 -29.29
C TRP A 212 15.83 -12.04 -30.13
N SER A 213 17.03 -12.55 -29.86
CA SER A 213 18.23 -12.19 -30.62
C SER A 213 18.08 -12.49 -32.13
N GLU A 214 17.61 -13.70 -32.42
CA GLU A 214 17.30 -14.11 -33.80
C GLU A 214 16.20 -13.24 -34.42
N LYS A 215 15.03 -13.22 -33.79
CA LYS A 215 13.86 -12.47 -34.30
C LYS A 215 14.18 -11.01 -34.62
N HIS A 216 14.91 -10.34 -33.73
CA HIS A 216 15.24 -8.92 -33.90
C HIS A 216 16.59 -8.66 -34.58
N ARG A 217 17.32 -9.73 -34.91
CA ARG A 217 18.54 -9.66 -35.73
C ARG A 217 19.60 -8.75 -35.13
N PHE A 218 19.93 -9.02 -33.87
CA PHE A 218 21.02 -8.34 -33.17
C PHE A 218 21.84 -9.39 -32.42
N PRO A 219 23.16 -9.18 -32.28
CA PRO A 219 23.98 -10.23 -31.68
C PRO A 219 23.79 -10.31 -30.16
N LEU A 220 23.57 -11.52 -29.67
CA LEU A 220 23.42 -11.80 -28.24
C LEU A 220 24.79 -11.91 -27.59
N LYS A 221 25.28 -10.79 -27.04
CA LYS A 221 26.60 -10.74 -26.39
C LYS A 221 26.60 -11.29 -24.97
N HIS A 222 25.51 -11.06 -24.22
CA HIS A 222 25.49 -11.32 -22.78
C HIS A 222 24.11 -11.64 -22.17
N ILE A 223 24.08 -12.60 -21.24
CA ILE A 223 22.89 -12.89 -20.43
C ILE A 223 23.23 -12.87 -18.94
N ASN A 224 22.52 -12.03 -18.19
CA ASN A 224 22.58 -12.06 -16.74
C ASN A 224 21.51 -13.05 -16.25
N LEU A 225 21.96 -14.13 -15.63
CA LEU A 225 21.08 -15.21 -15.19
C LEU A 225 20.50 -15.02 -13.78
N GLY A 226 20.80 -13.89 -13.14
CA GLY A 226 20.24 -13.56 -11.84
C GLY A 226 20.91 -14.27 -10.69
N GLY A 227 20.33 -14.12 -9.51
CA GLY A 227 20.69 -14.90 -8.33
C GLY A 227 19.56 -15.82 -7.93
N GLY A 228 19.23 -15.81 -6.64
CA GLY A 228 18.11 -16.58 -6.11
C GLY A 228 18.47 -18.00 -5.70
N ILE A 229 19.76 -18.31 -5.67
CA ILE A 229 20.24 -19.59 -5.15
C ILE A 229 19.96 -19.62 -3.65
N GLY A 230 19.31 -20.70 -3.21
CA GLY A 230 18.76 -20.75 -1.86
C GLY A 230 19.72 -21.21 -0.81
N VAL A 231 19.34 -20.98 0.44
CA VAL A 231 19.97 -21.61 1.60
C VAL A 231 18.86 -22.11 2.52
N ASN A 232 19.15 -23.21 3.21
CA ASN A 232 18.19 -23.90 4.05
C ASN A 232 18.37 -23.47 5.49
N TYR A 233 17.35 -22.79 6.03
CA TYR A 233 17.32 -22.39 7.44
C TYR A 233 16.66 -23.42 8.34
N ALA A 234 15.79 -24.26 7.78
CA ALA A 234 15.10 -25.30 8.55
C ALA A 234 16.03 -26.47 8.85
N ASP A 235 16.63 -27.04 7.81
CA ASP A 235 17.59 -28.14 7.93
C ASP A 235 18.94 -27.70 7.38
N LEU A 236 19.86 -27.42 8.29
CA LEU A 236 21.14 -26.85 7.94
C LEU A 236 22.07 -27.79 7.18
N THR A 237 21.82 -29.08 7.24
CA THR A 237 22.63 -30.08 6.53
C THR A 237 22.28 -30.22 5.04
N SER A 238 21.11 -29.72 4.65
CA SER A 238 20.59 -29.91 3.29
C SER A 238 20.58 -28.60 2.50
N GLN A 239 21.76 -28.22 2.01
CA GLN A 239 21.98 -26.97 1.29
C GLN A 239 22.00 -27.16 -0.23
N PHE A 240 22.08 -26.05 -0.96
CA PHE A 240 22.08 -26.08 -2.43
C PHE A 240 23.27 -26.88 -2.97
N GLU A 241 22.98 -27.79 -3.90
CA GLU A 241 23.97 -28.69 -4.49
C GLU A 241 24.73 -27.91 -5.56
N TRP A 242 25.71 -27.12 -5.14
CA TRP A 242 26.43 -26.23 -6.06
C TRP A 242 27.25 -27.01 -7.09
N ASP A 243 28.00 -28.01 -6.64
CA ASP A 243 28.83 -28.80 -7.57
C ASP A 243 28.01 -29.54 -8.59
N ASN A 244 26.87 -30.10 -8.17
CA ASN A 244 25.91 -30.69 -9.10
C ASN A 244 25.39 -29.65 -10.10
N PHE A 245 24.96 -28.50 -9.59
CA PHE A 245 24.44 -27.43 -10.44
C PHE A 245 25.44 -27.02 -11.52
N VAL A 246 26.68 -26.76 -11.11
CA VAL A 246 27.73 -26.27 -12.02
C VAL A 246 28.10 -27.32 -13.09
N GLU A 247 28.15 -28.59 -12.69
CA GLU A 247 28.35 -29.70 -13.63
C GLU A 247 27.29 -29.67 -14.76
N ASN A 248 26.03 -29.71 -14.37
CA ASN A 248 24.91 -29.67 -15.33
C ASN A 248 24.75 -28.32 -16.05
N PHE A 249 25.22 -27.25 -15.41
CA PHE A 249 25.29 -25.91 -16.03
C PHE A 249 26.29 -25.89 -17.20
N LYS A 250 27.50 -26.39 -16.97
CA LYS A 250 28.54 -26.48 -18.00
C LYS A 250 28.07 -27.26 -19.24
N THR A 251 27.51 -28.44 -18.99
CA THR A 251 26.91 -29.28 -20.06
C THR A 251 25.83 -28.51 -20.82
N LEU A 252 24.91 -27.89 -20.08
CA LEU A 252 23.82 -27.10 -20.67
C LEU A 252 24.31 -26.02 -21.63
N ILE A 253 25.40 -25.35 -21.27
CA ILE A 253 26.02 -24.30 -22.13
C ILE A 253 26.49 -24.87 -23.48
N VAL A 254 27.09 -26.05 -23.46
CA VAL A 254 27.52 -26.72 -24.69
C VAL A 254 26.28 -27.15 -25.49
N GLU A 255 25.40 -27.88 -24.81
CA GLU A 255 24.07 -28.28 -25.33
C GLU A 255 23.32 -27.19 -26.09
N GLN A 256 23.35 -25.96 -25.57
CA GLN A 256 22.64 -24.81 -26.17
C GLN A 256 23.55 -23.88 -26.97
N GLU A 257 24.81 -24.29 -27.17
CA GLU A 257 25.79 -23.52 -27.93
C GLU A 257 25.94 -22.07 -27.42
N MET A 258 26.13 -21.93 -26.11
CA MET A 258 26.33 -20.62 -25.46
C MET A 258 27.78 -20.34 -25.06
N GLU A 259 28.74 -21.12 -25.58
CA GLU A 259 30.18 -20.91 -25.26
C GLU A 259 30.67 -19.50 -25.63
N ASP A 260 30.12 -18.93 -26.70
N ASP A 260 30.10 -18.96 -26.71
CA ASP A 260 30.51 -17.58 -27.14
CA ASP A 260 30.42 -17.62 -27.24
C ASP A 260 29.64 -16.45 -26.58
C ASP A 260 29.69 -16.47 -26.53
N VAL A 261 28.64 -16.79 -25.76
CA VAL A 261 27.85 -15.79 -25.03
C VAL A 261 28.42 -15.67 -23.61
N THR A 262 28.75 -14.45 -23.19
CA THR A 262 29.19 -14.21 -21.81
C THR A 262 28.00 -14.18 -20.86
N LEU A 263 28.22 -14.66 -19.63
CA LEU A 263 27.16 -14.87 -18.65
C LEU A 263 27.58 -14.34 -17.29
N ASN A 264 26.60 -13.98 -16.46
CA ASN A 264 26.87 -13.74 -15.04
C ASN A 264 25.74 -14.16 -14.14
N PHE A 265 26.10 -14.56 -12.93
CA PHE A 265 25.15 -14.66 -11.82
C PHE A 265 25.34 -13.44 -10.95
N GLU A 266 24.33 -13.19 -10.12
CA GLU A 266 24.33 -12.08 -9.18
C GLU A 266 23.68 -12.59 -7.90
N CYS A 267 24.45 -13.36 -7.14
CA CYS A 267 23.96 -14.01 -5.91
C CYS A 267 24.26 -13.13 -4.71
N GLY A 268 23.33 -13.11 -3.75
CA GLY A 268 23.52 -12.42 -2.49
C GLY A 268 23.53 -13.44 -1.36
N ARG A 269 22.35 -14.00 -1.11
CA ARG A 269 22.11 -14.90 0.02
C ARG A 269 23.10 -16.05 0.10
N PHE A 270 23.25 -16.76 -1.02
CA PHE A 270 24.10 -17.97 -1.06
C PHE A 270 25.57 -17.68 -0.73
N ILE A 271 26.00 -16.45 -1.02
CA ILE A 271 27.39 -16.06 -0.83
C ILE A 271 27.73 -15.83 0.64
N VAL A 272 26.82 -15.25 1.42
CA VAL A 272 27.15 -14.81 2.78
C VAL A 272 26.33 -15.40 3.93
N ALA A 273 25.23 -16.10 3.66
CA ALA A 273 24.31 -16.52 4.72
C ALA A 273 24.97 -17.34 5.83
N HIS A 274 25.72 -18.37 5.45
CA HIS A 274 26.23 -19.34 6.42
C HIS A 274 27.43 -18.89 7.25
N ILE A 275 28.08 -17.80 6.87
CA ILE A 275 29.29 -17.31 7.55
C ILE A 275 29.04 -16.19 8.58
N GLY A 276 27.77 -15.82 8.77
CA GLY A 276 27.37 -14.81 9.74
C GLY A 276 26.59 -15.41 10.91
N TYR A 277 26.74 -14.78 12.08
CA TYR A 277 26.11 -15.23 13.32
C TYR A 277 25.63 -13.99 14.07
N TYR A 278 24.45 -14.08 14.66
CA TYR A 278 23.94 -13.04 15.56
C TYR A 278 23.93 -13.65 16.96
N VAL A 279 24.72 -13.06 17.86
CA VAL A 279 25.03 -13.67 19.14
C VAL A 279 24.60 -12.70 20.24
N THR A 280 23.75 -13.18 21.14
CA THR A 280 23.17 -12.34 22.18
C THR A 280 22.99 -13.08 23.52
N GLU A 281 23.15 -12.34 24.63
CA GLU A 281 22.99 -12.89 25.99
C GLU A 281 21.55 -12.88 26.50
N VAL A 282 21.24 -13.86 27.34
CA VAL A 282 19.90 -13.98 27.95
C VAL A 282 19.81 -13.02 29.13
N LEU A 283 18.92 -12.05 29.04
CA LEU A 283 18.69 -11.05 30.10
C LEU A 283 17.65 -11.48 31.13
N ASP A 284 16.63 -12.22 30.69
CA ASP A 284 15.56 -12.64 31.58
C ASP A 284 14.90 -13.92 31.09
N ILE A 285 14.30 -14.66 32.02
CA ILE A 285 13.51 -15.84 31.70
C ILE A 285 12.26 -15.80 32.57
N LYS A 286 11.09 -15.87 31.95
CA LYS A 286 9.83 -15.73 32.67
C LYS A 286 8.74 -16.61 32.09
N LYS A 287 7.81 -17.02 32.95
CA LYS A 287 6.60 -17.70 32.55
C LYS A 287 5.44 -16.72 32.62
N VAL A 288 4.71 -16.58 31.51
CA VAL A 288 3.50 -15.75 31.43
C VAL A 288 2.34 -16.59 30.92
N HIS A 289 1.30 -16.72 31.75
CA HIS A 289 0.11 -17.53 31.47
C HIS A 289 0.41 -18.91 30.86
N GLY A 290 1.36 -19.60 31.49
CA GLY A 290 1.75 -20.96 31.11
C GLY A 290 2.89 -21.10 30.11
N ALA A 291 3.26 -20.00 29.43
CA ALA A 291 4.27 -20.04 28.37
C ALA A 291 5.58 -19.42 28.83
N TRP A 292 6.69 -20.11 28.51
CA TRP A 292 8.03 -19.64 28.87
C TRP A 292 8.60 -18.71 27.80
N TYR A 293 9.24 -17.64 28.26
CA TYR A 293 9.94 -16.67 27.41
C TYR A 293 11.37 -16.48 27.88
N ALA A 294 12.30 -16.35 26.94
CA ALA A 294 13.66 -15.91 27.22
C ALA A 294 13.87 -14.56 26.51
N ILE A 295 14.10 -13.51 27.29
CA ILE A 295 14.36 -12.17 26.78
C ILE A 295 15.86 -11.99 26.53
N LEU A 296 16.21 -11.63 25.29
CA LEU A 296 17.60 -11.52 24.85
C LEU A 296 17.98 -10.07 24.63
N ARG A 297 19.27 -9.76 24.77
CA ARG A 297 19.79 -8.44 24.43
C ARG A 297 19.64 -8.22 22.92
N GLY A 298 19.41 -6.98 22.52
CA GLY A 298 19.16 -6.69 21.11
C GLY A 298 17.71 -6.94 20.76
N GLY A 299 17.49 -7.41 19.54
CA GLY A 299 16.13 -7.68 19.08
C GLY A 299 16.02 -7.88 17.58
N THR A 300 14.77 -7.98 17.13
CA THR A 300 14.46 -8.16 15.71
C THR A 300 14.63 -6.87 14.88
N GLN A 301 14.86 -5.74 15.55
CA GLN A 301 15.26 -4.51 14.86
C GLN A 301 16.75 -4.50 14.52
N GLN A 302 17.51 -5.45 15.07
CA GLN A 302 18.90 -5.71 14.67
C GLN A 302 19.04 -6.97 13.80
N PHE A 303 18.13 -7.93 13.98
CA PHE A 303 18.13 -9.17 13.21
C PHE A 303 16.66 -9.53 12.90
N ARG A 304 16.13 -8.88 11.87
CA ARG A 304 14.71 -8.99 11.49
C ARG A 304 14.37 -10.25 10.68
N LEU A 305 15.40 -10.94 10.17
CA LEU A 305 15.21 -12.11 9.31
C LEU A 305 14.13 -13.08 9.78
N PRO A 306 14.15 -13.51 11.07
CA PRO A 306 13.12 -14.43 11.56
C PRO A 306 11.68 -13.93 11.45
N VAL A 307 11.46 -12.64 11.69
CA VAL A 307 10.10 -12.06 11.63
C VAL A 307 9.64 -11.91 10.18
N SER A 308 10.53 -11.37 9.35
CA SER A 308 10.32 -11.27 7.89
C SER A 308 9.85 -12.59 7.28
N TRP A 309 10.52 -13.68 7.68
CA TRP A 309 10.22 -15.04 7.19
C TRP A 309 9.09 -15.78 7.95
N GLN A 310 8.74 -15.30 9.15
CA GLN A 310 7.82 -16.01 10.04
C GLN A 310 8.28 -17.46 10.25
N HIS A 311 9.55 -17.63 10.64
CA HIS A 311 10.09 -18.95 11.01
C HIS A 311 10.81 -18.89 12.34
N ASN A 312 11.15 -20.07 12.84
CA ASN A 312 12.02 -20.19 14.00
C ASN A 312 13.45 -20.24 13.49
N HIS A 313 14.24 -19.23 13.82
CA HIS A 313 15.59 -19.16 13.31
C HIS A 313 16.50 -20.17 14.02
N PRO A 314 17.40 -20.84 13.28
CA PRO A 314 18.29 -21.82 13.91
C PRO A 314 19.28 -21.20 14.89
N PHE A 315 19.42 -21.82 16.05
CA PHE A 315 20.34 -21.34 17.07
C PHE A 315 20.98 -22.48 17.88
N GLU A 316 22.06 -22.14 18.56
CA GLU A 316 22.65 -22.98 19.60
C GLU A 316 22.82 -22.15 20.86
N ILE A 317 23.01 -22.84 21.97
CA ILE A 317 23.14 -22.20 23.28
C ILE A 317 24.54 -22.44 23.85
N TYR A 318 25.21 -21.34 24.18
CA TYR A 318 26.43 -21.39 24.96
C TYR A 318 26.08 -21.21 26.44
N ARG A 319 26.40 -22.21 27.26
CA ARG A 319 26.15 -22.15 28.70
C ARG A 319 27.29 -21.46 29.41
N TYR A 320 26.95 -20.46 30.22
CA TYR A 320 27.92 -19.70 31.01
C TYR A 320 27.80 -20.13 32.47
N LYS A 321 28.89 -20.62 33.04
CA LYS A 321 28.89 -21.27 34.36
C LYS A 321 28.80 -20.30 35.54
N ASP A 322 29.52 -19.17 35.44
CA ASP A 322 29.57 -18.18 36.53
C ASP A 322 28.28 -17.36 36.68
N ASN A 323 28.16 -16.70 37.84
CA ASN A 323 27.03 -15.86 38.19
C ASN A 323 27.54 -14.48 38.63
N PRO A 324 27.24 -13.42 37.86
CA PRO A 324 27.72 -12.08 38.24
C PRO A 324 26.97 -11.41 39.38
N TYR A 325 25.81 -11.96 39.78
CA TYR A 325 24.98 -11.39 40.84
C TYR A 325 25.05 -12.24 42.10
N SER A 326 24.68 -11.62 43.23
CA SER A 326 24.62 -12.30 44.53
C SER A 326 23.24 -12.94 44.81
N PHE A 327 22.36 -12.97 43.81
CA PHE A 327 21.12 -13.73 43.87
C PHE A 327 21.17 -14.73 42.73
N GLU A 328 20.29 -15.73 42.78
CA GLU A 328 20.38 -16.86 41.88
C GLU A 328 19.94 -16.51 40.46
N LYS A 329 20.49 -17.25 39.50
CA LYS A 329 20.02 -17.21 38.13
C LYS A 329 18.60 -17.74 38.04
N VAL A 330 17.94 -17.45 36.93
CA VAL A 330 16.73 -18.16 36.55
C VAL A 330 17.19 -19.22 35.57
N SER A 331 17.07 -20.49 35.96
CA SER A 331 17.45 -21.64 35.11
C SER A 331 16.24 -22.52 34.84
N ILE A 332 16.09 -22.94 33.58
CA ILE A 332 15.05 -23.90 33.19
C ILE A 332 15.65 -24.99 32.31
N SER A 333 14.90 -26.07 32.13
CA SER A 333 15.32 -27.14 31.24
C SER A 333 14.10 -27.85 30.67
N ARG A 334 14.20 -28.24 29.40
CA ARG A 334 13.19 -29.06 28.71
C ARG A 334 11.84 -28.37 28.60
N GLN A 335 11.86 -27.09 28.25
CA GLN A 335 10.66 -26.29 28.06
C GLN A 335 10.55 -25.80 26.62
N ASP A 336 9.33 -25.77 26.09
CA ASP A 336 9.01 -24.99 24.91
C ASP A 336 9.11 -23.51 25.27
N THR A 337 10.04 -22.82 24.62
CA THR A 337 10.42 -21.46 25.00
C THR A 337 10.33 -20.54 23.78
N THR A 338 9.85 -19.31 24.00
CA THR A 338 9.80 -18.30 22.95
C THR A 338 10.92 -17.29 23.22
N LEU A 339 11.81 -17.16 22.24
CA LEU A 339 12.94 -16.22 22.31
C LEU A 339 12.53 -14.86 21.76
N VAL A 340 12.66 -13.83 22.60
CA VAL A 340 12.32 -12.46 22.21
C VAL A 340 13.48 -11.54 22.51
N GLY A 341 13.42 -10.33 21.97
CA GLY A 341 14.42 -9.31 22.20
C GLY A 341 13.96 -8.30 23.24
N GLN A 342 14.54 -7.12 23.19
CA GLN A 342 14.24 -6.04 24.15
C GLN A 342 13.06 -5.15 23.77
N LEU A 343 12.47 -5.35 22.59
CA LEU A 343 11.53 -4.39 22.05
C LEU A 343 10.16 -4.45 22.71
N CYS A 344 9.44 -3.34 22.60
CA CYS A 344 8.11 -3.17 23.16
C CYS A 344 7.07 -3.40 22.08
N THR A 345 7.13 -4.59 21.49
CA THR A 345 6.10 -5.09 20.58
C THR A 345 6.07 -6.63 20.67
N PRO A 346 4.86 -7.23 20.68
CA PRO A 346 4.79 -8.69 20.70
C PRO A 346 5.31 -9.39 19.41
N LYS A 347 5.59 -8.62 18.36
CA LYS A 347 6.20 -9.15 17.13
C LYS A 347 7.72 -9.37 17.20
N ASP A 348 8.35 -9.02 18.32
CA ASP A 348 9.80 -9.11 18.48
C ASP A 348 10.22 -10.54 18.87
N VAL A 349 10.08 -11.47 17.93
CA VAL A 349 10.24 -12.89 18.20
C VAL A 349 11.28 -13.48 17.23
N PHE A 350 12.32 -14.10 17.79
CA PHE A 350 13.33 -14.83 17.03
C PHE A 350 12.88 -16.27 16.72
N ALA A 351 12.15 -16.86 17.65
CA ALA A 351 11.70 -18.25 17.56
C ALA A 351 10.59 -18.47 18.58
N ARG A 352 9.50 -19.10 18.14
CA ARG A 352 8.28 -19.27 18.95
C ARG A 352 8.10 -20.73 19.37
N GLU A 353 7.95 -20.95 20.68
CA GLU A 353 7.70 -22.26 21.27
C GLU A 353 8.65 -23.36 20.76
N VAL A 354 9.94 -23.07 20.77
N VAL A 354 9.94 -23.07 20.79
CA VAL A 354 10.97 -24.05 20.41
CA VAL A 354 10.98 -24.04 20.42
C VAL A 354 11.41 -24.77 21.68
C VAL A 354 11.41 -24.77 21.69
N GLN A 355 11.54 -26.08 21.59
CA GLN A 355 11.99 -26.90 22.72
C GLN A 355 13.45 -26.59 23.00
N ILE A 356 13.74 -26.19 24.23
CA ILE A 356 15.11 -25.87 24.65
C ILE A 356 15.54 -26.83 25.74
N ASP A 357 16.71 -27.44 25.55
CA ASP A 357 17.20 -28.47 26.49
C ASP A 357 17.56 -27.89 27.86
N ALA A 358 18.32 -26.80 27.89
CA ALA A 358 18.70 -26.11 29.13
C ALA A 358 19.14 -24.66 28.85
N ILE A 359 18.59 -23.72 29.61
CA ILE A 359 18.92 -22.31 29.45
C ILE A 359 18.74 -21.54 30.76
N SER A 360 19.70 -20.67 31.05
CA SER A 360 19.67 -19.78 32.21
C SER A 360 19.92 -18.35 31.76
N THR A 361 19.47 -17.39 32.58
CA THR A 361 19.91 -16.00 32.45
C THR A 361 21.43 -15.96 32.49
N GLY A 362 22.03 -15.18 31.59
CA GLY A 362 23.48 -15.09 31.50
C GLY A 362 24.09 -15.99 30.45
N ASP A 363 23.31 -16.94 29.93
CA ASP A 363 23.74 -17.76 28.80
C ASP A 363 23.64 -16.96 27.51
N VAL A 364 24.26 -17.48 26.47
CA VAL A 364 24.35 -16.80 25.18
C VAL A 364 23.70 -17.66 24.09
N ILE A 365 22.79 -17.03 23.34
CA ILE A 365 22.17 -17.63 22.15
C ILE A 365 23.01 -17.24 20.95
N VAL A 366 23.33 -18.23 20.12
CA VAL A 366 24.05 -18.04 18.87
C VAL A 366 23.10 -18.35 17.74
N PHE A 367 22.60 -17.33 17.06
CA PHE A 367 21.78 -17.51 15.88
C PHE A 367 22.69 -17.74 14.69
N LYS A 368 22.57 -18.91 14.07
CA LYS A 368 23.40 -19.30 12.91
C LYS A 368 22.75 -18.84 11.62
N TYR A 369 23.50 -18.88 10.53
CA TYR A 369 23.02 -18.47 9.20
C TYR A 369 22.40 -17.06 9.21
N ALA A 370 23.11 -16.12 9.82
CA ALA A 370 22.64 -14.74 9.97
C ALA A 370 23.38 -13.74 9.06
N GLY A 371 24.22 -14.26 8.15
CA GLY A 371 25.02 -13.40 7.28
C GLY A 371 24.30 -12.64 6.17
N ALA A 372 23.15 -13.14 5.73
CA ALA A 372 22.43 -12.59 4.59
C ALA A 372 21.06 -12.09 5.04
N TYR A 373 20.71 -10.88 4.61
CA TYR A 373 19.42 -10.26 4.96
C TYR A 373 19.15 -10.34 6.47
N GLY A 374 20.21 -10.10 7.25
CA GLY A 374 20.13 -10.03 8.70
C GLY A 374 20.12 -8.57 9.13
N TRP A 375 21.30 -8.02 9.35
CA TRP A 375 21.47 -6.59 9.65
C TRP A 375 20.96 -5.70 8.51
N SER A 376 21.20 -6.13 7.26
CA SER A 376 20.88 -5.31 6.09
C SER A 376 19.39 -4.94 5.95
N ILE A 377 18.48 -5.81 6.40
CA ILE A 377 17.03 -5.57 6.30
C ILE A 377 16.37 -5.03 7.58
N SER A 378 17.18 -4.72 8.60
CA SER A 378 16.65 -4.48 9.92
C SER A 378 16.51 -3.00 10.23
N HIS A 379 15.57 -2.70 11.12
CA HIS A 379 15.16 -1.33 11.47
C HIS A 379 15.99 -0.90 12.68
N HIS A 380 17.28 -0.70 12.41
CA HIS A 380 18.35 -0.58 13.41
C HIS A 380 18.04 0.35 14.58
N ASP A 381 17.38 1.47 14.30
CA ASP A 381 17.21 2.53 15.30
C ASP A 381 15.80 2.62 15.91
N PHE A 382 14.92 1.68 15.60
CA PHE A 382 13.61 1.62 16.26
C PHE A 382 13.83 1.41 17.75
N LEU A 383 13.20 2.28 18.56
CA LEU A 383 13.41 2.32 20.02
C LEU A 383 14.82 2.75 20.48
N SER A 384 15.65 3.22 19.55
CA SER A 384 16.92 3.85 19.85
C SER A 384 17.89 3.03 20.70
N HIS A 385 17.96 1.72 20.45
CA HIS A 385 18.95 0.87 21.13
C HIS A 385 20.33 1.01 20.47
N PRO A 386 21.41 0.87 21.27
CA PRO A 386 22.75 0.86 20.68
C PRO A 386 22.92 -0.31 19.71
N HIS A 387 23.66 -0.07 18.65
CA HIS A 387 23.87 -1.07 17.61
C HIS A 387 24.66 -2.23 18.21
N PRO A 388 24.53 -3.44 17.64
CA PRO A 388 25.43 -4.50 18.06
C PRO A 388 26.86 -4.21 17.64
N GLU A 389 27.81 -4.87 18.27
CA GLU A 389 29.21 -4.77 17.88
C GLU A 389 29.43 -5.73 16.73
N PHE A 390 30.35 -5.39 15.83
CA PHE A 390 30.63 -6.22 14.64
C PHE A 390 32.04 -6.77 14.74
N ILE A 391 32.18 -8.08 14.67
CA ILE A 391 33.49 -8.73 14.73
C ILE A 391 33.68 -9.56 13.48
N TYR A 392 34.84 -9.40 12.84
CA TYR A 392 35.17 -10.12 11.62
C TYR A 392 36.40 -10.99 11.87
N LEU A 393 36.18 -12.30 11.94
CA LEU A 393 37.24 -13.26 12.25
C LEU A 393 38.09 -13.57 11.02
N THR A 394 39.41 -13.39 11.14
CA THR A 394 40.35 -13.57 10.02
C THR A 394 41.34 -14.75 10.17
N GLN A 395 41.35 -15.43 11.31
CA GLN A 395 42.26 -16.57 11.54
C GLN A 395 41.71 -17.52 12.59
N MET B 1 -4.49 16.58 2.16
CA MET B 1 -3.63 17.20 1.09
C MET B 1 -3.65 18.74 1.00
N ARG B 2 -4.72 19.37 1.49
CA ARG B 2 -4.73 20.83 1.72
C ARG B 2 -3.46 21.34 2.40
N ILE B 3 -2.96 20.60 3.39
CA ILE B 3 -1.77 20.98 4.16
C ILE B 3 -0.46 20.81 3.37
N VAL B 4 -0.31 19.70 2.63
CA VAL B 4 0.95 19.41 1.94
C VAL B 4 1.07 19.93 0.50
N GLN B 5 -0.06 20.29 -0.13
CA GLN B 5 -0.05 20.72 -1.53
C GLN B 5 0.88 21.90 -1.82
N PRO B 6 0.81 22.98 -1.00
CA PRO B 6 1.76 24.09 -1.18
C PRO B 6 3.24 23.68 -1.16
N VAL B 7 3.60 22.72 -0.30
CA VAL B 7 4.98 22.20 -0.22
C VAL B 7 5.36 21.46 -1.50
N ILE B 8 4.48 20.56 -1.95
CA ILE B 8 4.70 19.79 -3.19
C ILE B 8 4.90 20.73 -4.38
N GLU B 9 4.05 21.75 -4.48
CA GLU B 9 4.13 22.75 -5.56
C GLU B 9 5.46 23.52 -5.56
N GLN B 10 5.91 23.92 -4.38
CA GLN B 10 7.23 24.56 -4.26
C GLN B 10 8.36 23.61 -4.66
N LEU B 11 8.30 22.35 -4.21
CA LEU B 11 9.32 21.35 -4.56
C LEU B 11 9.42 21.13 -6.07
N LYS B 12 8.25 21.04 -6.73
CA LYS B 12 8.15 20.92 -8.18
C LYS B 12 8.69 22.14 -8.90
N ALA B 13 8.25 23.32 -8.49
CA ALA B 13 8.72 24.60 -9.06
C ALA B 13 10.24 24.77 -8.98
N GLN B 14 10.84 24.27 -7.90
CA GLN B 14 12.29 24.35 -7.69
C GLN B 14 13.08 23.17 -8.28
N SER B 15 12.40 22.24 -8.95
CA SER B 15 13.01 21.02 -9.52
C SER B 15 13.61 20.06 -8.48
N HIS B 16 13.06 20.08 -7.26
CA HIS B 16 13.49 19.17 -6.20
C HIS B 16 12.69 17.88 -6.33
N PRO B 17 13.37 16.72 -6.38
CA PRO B 17 12.60 15.47 -6.37
C PRO B 17 11.79 15.31 -5.09
N VAL B 18 10.58 14.78 -5.23
CA VAL B 18 9.65 14.65 -4.12
C VAL B 18 9.80 13.25 -3.52
N CYS B 19 10.45 13.20 -2.36
CA CYS B 19 10.41 12.07 -1.46
C CYS B 19 10.63 12.57 -0.02
N HIS B 20 9.54 12.89 0.67
CA HIS B 20 9.57 13.69 1.90
C HIS B 20 8.62 13.15 2.94
N TYR B 21 9.06 13.22 4.20
CA TYR B 21 8.13 13.24 5.32
C TYR B 21 7.79 14.72 5.57
N ILE B 22 6.51 15.00 5.70
CA ILE B 22 6.02 16.35 6.04
C ILE B 22 5.18 16.22 7.31
N TYR B 23 5.46 17.08 8.28
CA TYR B 23 4.75 17.08 9.56
C TYR B 23 4.10 18.43 9.81
N ASP B 24 2.85 18.39 10.28
CA ASP B 24 2.07 19.58 10.56
C ASP B 24 2.15 19.83 12.07
N LEU B 25 3.08 20.69 12.48
CA LEU B 25 3.29 20.96 13.90
C LEU B 25 2.22 21.86 14.51
N VAL B 26 1.56 22.66 13.69
CA VAL B 26 0.43 23.48 14.16
C VAL B 26 -0.72 22.55 14.55
N GLY B 27 -1.03 21.60 13.66
CA GLY B 27 -1.99 20.53 13.93
C GLY B 27 -1.64 19.68 15.15
N LEU B 28 -0.35 19.42 15.34
CA LEU B 28 0.14 18.64 16.49
C LEU B 28 -0.08 19.35 17.81
N GLU B 29 0.22 20.65 17.84
CA GLU B 29 0.01 21.50 19.02
C GLU B 29 -1.45 21.64 19.40
N HIS B 30 -2.32 21.87 18.41
N HIS B 30 -2.31 21.87 18.41
CA HIS B 30 -3.76 21.96 18.65
CA HIS B 30 -3.77 21.96 18.61
C HIS B 30 -4.35 20.64 19.17
C HIS B 30 -4.32 20.65 19.18
N HIS B 31 -3.84 19.53 18.65
CA HIS B 31 -4.25 18.19 19.10
C HIS B 31 -3.83 17.91 20.55
N LEU B 32 -2.57 18.20 20.85
CA LEU B 32 -2.02 18.05 22.21
C LEU B 32 -2.68 18.96 23.24
N GLN B 33 -2.95 20.20 22.83
CA GLN B 33 -3.62 21.19 23.68
C GLN B 33 -4.96 20.63 24.15
N HIS B 34 -5.74 20.14 23.19
CA HIS B 34 -7.07 19.58 23.45
C HIS B 34 -7.03 18.35 24.38
N ILE B 35 -6.19 17.38 24.04
CA ILE B 35 -6.08 16.15 24.82
C ILE B 35 -5.68 16.41 26.26
N THR B 36 -4.55 17.10 26.44
CA THR B 36 -3.97 17.29 27.78
C THR B 36 -4.82 18.19 28.68
N SER B 37 -5.46 19.20 28.09
CA SER B 37 -6.33 20.10 28.86
C SER B 37 -7.66 19.44 29.27
N SER B 38 -8.09 18.41 28.55
CA SER B 38 -9.34 17.69 28.85
C SER B 38 -9.25 16.72 30.03
N LEU B 39 -8.02 16.30 30.37
CA LEU B 39 -7.82 15.31 31.43
C LEU B 39 -8.16 15.87 32.81
N PRO B 40 -8.65 15.01 33.73
CA PRO B 40 -8.83 15.46 35.10
C PRO B 40 -7.48 15.77 35.78
N SER B 41 -7.57 16.52 36.88
CA SER B 41 -6.39 17.03 37.60
C SER B 41 -5.41 15.96 38.11
N ASN B 42 -5.93 14.76 38.41
CA ASN B 42 -5.11 13.63 38.87
C ASN B 42 -4.58 12.71 37.76
N CYS B 43 -4.84 13.05 36.49
CA CYS B 43 -4.34 12.25 35.37
C CYS B 43 -3.39 13.08 34.51
N GLN B 44 -2.36 12.43 33.99
CA GLN B 44 -1.30 13.06 33.23
C GLN B 44 -1.15 12.32 31.90
N MET B 45 -0.67 13.01 30.87
CA MET B 45 -0.38 12.41 29.57
C MET B 45 1.12 12.38 29.33
N TYR B 46 1.66 11.18 29.15
CA TYR B 46 3.04 11.02 28.69
C TYR B 46 3.04 10.65 27.21
N TYR B 47 4.07 11.09 26.48
CA TYR B 47 4.25 10.71 25.08
C TYR B 47 5.22 9.52 24.97
N ALA B 48 4.75 8.44 24.36
CA ALA B 48 5.55 7.23 24.14
C ALA B 48 6.38 7.43 22.90
N MET B 49 7.64 7.82 23.06
CA MET B 49 8.41 8.35 21.93
C MET B 49 8.78 7.35 20.84
N LYS B 50 8.61 6.04 21.10
CA LYS B 50 8.85 5.03 20.05
C LYS B 50 8.05 5.26 18.75
N ALA B 51 6.85 5.85 18.89
CA ALA B 51 6.01 6.22 17.75
C ALA B 51 6.71 7.16 16.75
N ASN B 52 7.50 8.08 17.29
CA ASN B 52 8.26 9.07 16.51
C ASN B 52 9.14 9.84 17.50
N SER B 53 10.45 9.59 17.45
CA SER B 53 11.41 10.20 18.36
C SER B 53 12.30 11.24 17.65
N GLU B 54 11.84 11.77 16.51
CA GLU B 54 12.57 12.83 15.79
C GLU B 54 12.69 14.06 16.69
N ARG B 55 13.87 14.66 16.73
CA ARG B 55 14.17 15.73 17.69
C ARG B 55 13.15 16.89 17.62
N THR B 56 12.79 17.32 16.41
CA THR B 56 11.85 18.44 16.23
C THR B 56 10.45 18.08 16.76
N ILE B 57 10.07 16.81 16.61
CA ILE B 57 8.79 16.32 17.12
C ILE B 57 8.80 16.37 18.66
N LEU B 58 9.87 15.88 19.26
CA LEU B 58 10.02 15.90 20.73
C LEU B 58 10.05 17.32 21.30
N ASP B 59 10.79 18.21 20.63
CA ASP B 59 10.81 19.65 20.93
C ASP B 59 9.38 20.21 21.04
N THR B 60 8.55 19.93 20.03
CA THR B 60 7.17 20.45 19.96
C THR B 60 6.27 19.82 21.03
N ILE B 61 6.37 18.50 21.20
CA ILE B 61 5.53 17.77 22.15
C ILE B 61 5.82 18.14 23.61
N SER B 62 7.09 18.41 23.94
CA SER B 62 7.55 18.63 25.32
C SER B 62 6.82 19.73 26.09
N GLN B 63 6.36 20.77 25.40
N GLN B 63 6.40 20.79 25.39
CA GLN B 63 5.62 21.85 26.06
CA GLN B 63 5.57 21.86 25.98
C GLN B 63 4.23 21.44 26.56
C GLN B 63 4.29 21.34 26.64
N TYR B 64 3.60 20.44 25.93
CA TYR B 64 2.22 20.04 26.26
C TYR B 64 2.04 18.84 27.17
N VAL B 65 3.02 17.94 27.19
CA VAL B 65 2.89 16.69 27.95
C VAL B 65 3.56 16.78 29.32
N GLU B 66 3.13 15.92 30.24
CA GLU B 66 3.81 15.78 31.52
C GLU B 66 5.26 15.32 31.33
N GLY B 67 5.46 14.40 30.39
CA GLY B 67 6.78 13.83 30.20
C GLY B 67 6.82 12.85 29.05
N PHE B 68 7.93 12.11 28.96
CA PHE B 68 8.12 11.12 27.92
C PHE B 68 8.12 9.72 28.53
N GLU B 69 7.52 8.76 27.84
CA GLU B 69 7.73 7.36 28.13
C GLU B 69 8.79 6.85 27.17
N VAL B 70 9.73 6.09 27.72
CA VAL B 70 10.92 5.63 27.00
C VAL B 70 11.14 4.15 27.27
N ALA B 71 11.87 3.48 26.39
CA ALA B 71 12.13 2.05 26.54
C ALA B 71 13.55 1.63 26.23
N SER B 72 14.48 2.59 26.24
CA SER B 72 15.90 2.29 26.08
C SER B 72 16.72 3.46 26.58
N GLN B 73 18.03 3.21 26.76
N GLN B 73 18.03 3.23 26.77
CA GLN B 73 18.99 4.27 27.10
CA GLN B 73 18.96 4.30 27.12
C GLN B 73 18.99 5.39 26.05
C GLN B 73 19.02 5.38 26.05
N GLY B 74 18.84 5.00 24.80
CA GLY B 74 18.80 5.96 23.69
C GLY B 74 17.61 6.89 23.77
N GLU B 75 16.45 6.35 24.14
CA GLU B 75 15.24 7.16 24.31
C GLU B 75 15.31 8.08 25.53
N ILE B 76 15.91 7.58 26.63
CA ILE B 76 16.17 8.45 27.80
C ILE B 76 17.02 9.65 27.37
N ALA B 77 18.15 9.40 26.71
CA ALA B 77 19.04 10.47 26.22
C ALA B 77 18.29 11.49 25.37
N LYS B 78 17.50 11.01 24.41
CA LYS B 78 16.68 11.86 23.55
C LYS B 78 15.65 12.67 24.34
N GLY B 79 15.00 12.04 25.32
CA GLY B 79 14.04 12.74 26.20
C GLY B 79 14.67 13.80 27.07
N LEU B 80 15.89 13.54 27.55
CA LEU B 80 16.64 14.48 28.41
C LEU B 80 16.99 15.82 27.74
N ALA B 81 16.94 15.88 26.41
CA ALA B 81 17.12 17.15 25.69
C ALA B 81 16.00 18.16 25.94
N PHE B 82 14.81 17.70 26.30
CA PHE B 82 13.63 18.57 26.50
C PHE B 82 12.87 18.40 27.83
N LYS B 83 13.21 17.37 28.60
CA LYS B 83 12.62 17.15 29.93
C LYS B 83 13.68 16.74 30.95
N PRO B 84 13.48 17.10 32.23
CA PRO B 84 14.36 16.54 33.23
C PRO B 84 14.07 15.06 33.43
N ALA B 85 15.06 14.32 33.90
CA ALA B 85 14.92 12.87 34.17
C ALA B 85 13.69 12.55 35.02
N ASN B 86 13.42 13.43 35.99
N ASN B 86 13.38 13.38 36.01
CA ASN B 86 12.25 13.37 36.85
CA ASN B 86 12.21 13.11 36.86
C ASN B 86 10.87 13.37 36.17
C ASN B 86 10.84 13.34 36.17
N HIS B 87 10.83 13.66 34.87
CA HIS B 87 9.59 13.57 34.06
C HIS B 87 9.76 12.57 32.91
N ILE B 88 10.60 11.55 33.12
CA ILE B 88 10.78 10.46 32.16
C ILE B 88 10.49 9.16 32.89
N ILE B 89 9.68 8.31 32.26
CA ILE B 89 9.28 7.02 32.84
C ILE B 89 9.72 5.92 31.87
N PHE B 90 10.28 4.85 32.42
CA PHE B 90 11.10 3.89 31.67
C PHE B 90 10.50 2.49 31.78
N GLY B 91 10.01 1.98 30.64
CA GLY B 91 9.42 0.65 30.54
C GLY B 91 10.22 -0.29 29.65
N GLY B 92 9.82 -1.55 29.62
CA GLY B 92 10.37 -2.53 28.69
C GLY B 92 10.74 -3.86 29.33
N PRO B 93 10.59 -4.96 28.58
CA PRO B 93 10.83 -6.30 29.13
C PRO B 93 12.31 -6.72 29.29
N GLY B 94 13.25 -5.94 28.76
CA GLY B 94 14.67 -6.33 28.81
C GLY B 94 15.60 -5.17 29.09
N LYS B 95 15.41 -4.54 30.24
CA LYS B 95 16.26 -3.41 30.64
C LYS B 95 17.60 -3.97 31.09
N THR B 96 18.68 -3.57 30.43
CA THR B 96 20.02 -4.09 30.70
C THR B 96 20.56 -3.45 31.99
N ASP B 97 21.59 -4.04 32.58
CA ASP B 97 22.24 -3.43 33.76
C ASP B 97 22.75 -2.02 33.45
N GLU B 98 23.23 -1.85 32.21
CA GLU B 98 23.73 -0.58 31.72
C GLU B 98 22.61 0.48 31.67
N GLU B 99 21.45 0.11 31.13
CA GLU B 99 20.28 0.99 31.07
C GLU B 99 19.74 1.35 32.45
N LEU B 100 19.65 0.36 33.33
CA LEU B 100 19.18 0.59 34.70
C LEU B 100 20.10 1.54 35.47
N ARG B 101 21.42 1.32 35.34
CA ARG B 101 22.39 2.17 36.02
C ARG B 101 22.35 3.61 35.49
N TYR B 102 22.23 3.76 34.18
CA TYR B 102 22.05 5.06 33.52
C TYR B 102 20.76 5.75 33.97
N ALA B 103 19.68 4.98 34.04
CA ALA B 103 18.38 5.50 34.49
C ALA B 103 18.44 5.99 35.93
N VAL B 104 19.13 5.21 36.77
CA VAL B 104 19.32 5.54 38.18
C VAL B 104 20.28 6.71 38.37
N SER B 105 21.37 6.72 37.59
CA SER B 105 22.33 7.81 37.63
C SER B 105 21.68 9.14 37.24
N GLU B 106 20.90 9.14 36.16
CA GLU B 106 20.17 10.33 35.70
C GLU B 106 18.98 10.71 36.60
N GLY B 107 18.42 9.75 37.32
CA GLY B 107 17.29 10.01 38.23
C GLY B 107 15.93 9.98 37.55
N VAL B 108 15.69 8.93 36.76
N VAL B 108 15.70 8.93 36.76
CA VAL B 108 14.41 8.78 36.05
CA VAL B 108 14.44 8.71 36.04
C VAL B 108 13.26 8.67 37.04
C VAL B 108 13.25 8.60 37.01
N GLN B 109 12.10 9.15 36.63
CA GLN B 109 10.93 9.26 37.51
C GLN B 109 10.44 7.91 38.03
N ARG B 110 10.17 6.98 37.10
CA ARG B 110 9.78 5.62 37.45
C ARG B 110 10.41 4.61 36.51
N ILE B 111 10.72 3.43 37.06
CA ILE B 111 11.04 2.27 36.25
C ILE B 111 9.83 1.35 36.34
N HIS B 112 9.30 0.96 35.19
CA HIS B 112 8.16 0.06 35.13
C HIS B 112 8.72 -1.37 35.07
N VAL B 113 8.77 -2.01 36.23
CA VAL B 113 9.47 -3.30 36.41
C VAL B 113 8.60 -4.45 35.89
N GLU B 114 9.20 -5.32 35.08
CA GLU B 114 8.47 -6.36 34.37
C GLU B 114 8.75 -7.79 34.86
N SER B 115 9.65 -7.96 35.83
CA SER B 115 9.94 -9.29 36.36
C SER B 115 10.61 -9.22 37.70
N MET B 116 10.59 -10.35 38.40
CA MET B 116 11.31 -10.52 39.64
C MET B 116 12.82 -10.37 39.42
N HIS B 117 13.32 -10.92 38.32
CA HIS B 117 14.75 -10.86 38.05
C HIS B 117 15.21 -9.42 37.81
N GLU B 118 14.43 -8.66 37.04
CA GLU B 118 14.71 -7.22 36.84
C GLU B 118 14.68 -6.47 38.16
N LEU B 119 13.68 -6.76 38.99
CA LEU B 119 13.58 -6.16 40.32
C LEU B 119 14.85 -6.38 41.12
N GLN B 120 15.37 -7.60 41.10
CA GLN B 120 16.58 -7.93 41.82
C GLN B 120 17.82 -7.25 41.20
N ARG B 121 17.90 -7.20 39.89
CA ARG B 121 19.02 -6.50 39.22
C ARG B 121 18.99 -4.99 39.48
N LEU B 122 17.80 -4.40 39.48
CA LEU B 122 17.64 -2.99 39.83
C LEU B 122 18.06 -2.75 41.27
N ASN B 123 17.55 -3.57 42.18
CA ASN B 123 17.87 -3.43 43.60
C ASN B 123 19.38 -3.55 43.90
N ALA B 124 20.08 -4.46 43.22
CA ALA B 124 21.53 -4.58 43.40
C ALA B 124 22.28 -3.30 43.02
N ILE B 125 21.86 -2.69 41.91
CA ILE B 125 22.40 -1.41 41.45
C ILE B 125 22.14 -0.28 42.46
N LEU B 126 20.93 -0.24 43.01
CA LEU B 126 20.55 0.77 44.00
C LEU B 126 21.30 0.63 45.33
N GLU B 127 21.54 -0.61 45.76
CA GLU B 127 22.39 -0.88 46.94
C GLU B 127 23.85 -0.47 46.70
N ASP B 128 24.36 -0.73 45.49
CA ASP B 128 25.72 -0.36 45.11
C ASP B 128 25.91 1.16 44.99
N GLU B 129 24.88 1.86 44.50
CA GLU B 129 24.92 3.32 44.30
C GLU B 129 24.39 4.10 45.50
N ASP B 130 23.82 3.39 46.48
CA ASP B 130 23.19 4.01 47.65
C ASP B 130 22.06 4.96 47.26
N LYS B 131 21.20 4.48 46.35
CA LYS B 131 20.07 5.26 45.82
C LYS B 131 18.76 4.56 46.09
N THR B 132 17.66 5.31 45.98
CA THR B 132 16.32 4.73 45.96
C THR B 132 15.66 4.99 44.61
N GLN B 133 14.66 4.18 44.27
CA GLN B 133 13.96 4.30 42.99
C GLN B 133 12.49 4.00 43.16
N HIS B 134 11.67 4.95 42.71
CA HIS B 134 10.23 4.74 42.55
C HIS B 134 9.96 3.82 41.36
N ILE B 135 9.13 2.80 41.58
CA ILE B 135 8.74 1.88 40.53
C ILE B 135 7.23 1.65 40.46
N LEU B 136 6.81 1.10 39.32
CA LEU B 136 5.56 0.42 39.18
C LEU B 136 5.87 -1.02 38.79
N LEU B 137 4.95 -1.92 39.09
CA LEU B 137 5.00 -3.28 38.59
C LEU B 137 4.08 -3.38 37.37
N ARG B 138 4.66 -3.74 36.23
CA ARG B 138 3.88 -4.00 35.03
C ARG B 138 3.21 -5.37 35.15
N VAL B 139 1.88 -5.36 35.10
CA VAL B 139 1.07 -6.55 35.25
C VAL B 139 0.60 -7.02 33.88
N ASN B 140 0.68 -8.32 33.65
CA ASN B 140 0.08 -8.99 32.50
C ASN B 140 -1.16 -9.73 32.97
N LEU B 141 -2.33 -9.10 32.78
CA LEU B 141 -3.59 -9.61 33.29
C LEU B 141 -4.11 -10.79 32.47
N ALA B 142 -4.77 -11.73 33.14
CA ALA B 142 -5.51 -12.80 32.48
C ALA B 142 -6.96 -12.35 32.33
N PRO B 156 -0.72 -15.46 25.35
CA PRO B 156 0.06 -14.58 26.22
C PRO B 156 1.27 -13.94 25.52
N THR B 157 1.87 -12.97 26.20
CA THR B 157 2.99 -12.18 25.66
C THR B 157 4.20 -12.26 26.60
N GLN B 158 5.30 -11.65 26.16
CA GLN B 158 6.53 -11.56 26.97
C GLN B 158 6.56 -10.41 28.00
N PHE B 159 5.47 -9.63 28.08
CA PHE B 159 5.50 -8.37 28.82
C PHE B 159 4.95 -8.49 30.24
N GLY B 160 5.64 -7.86 31.18
CA GLY B 160 5.18 -7.72 32.54
C GLY B 160 5.21 -9.02 33.33
N ILE B 161 4.47 -9.00 34.43
CA ILE B 161 4.46 -10.08 35.41
C ILE B 161 3.11 -10.76 35.26
N SER B 162 3.15 -12.08 35.01
CA SER B 162 1.93 -12.88 34.91
C SER B 162 1.08 -12.64 36.15
N GLU B 163 -0.22 -12.42 35.96
CA GLU B 163 -1.11 -11.99 37.07
C GLU B 163 -0.93 -12.83 38.33
N ASP B 164 -0.94 -14.15 38.16
CA ASP B 164 -0.65 -15.14 39.21
C ASP B 164 0.63 -14.90 40.04
N GLU B 165 1.65 -14.30 39.43
CA GLU B 165 2.96 -14.08 40.07
C GLU B 165 3.10 -12.69 40.75
N VAL B 166 2.12 -11.80 40.54
CA VAL B 166 2.19 -10.41 41.00
C VAL B 166 2.33 -10.28 42.52
N ASP B 167 1.58 -11.11 43.27
CA ASP B 167 1.65 -11.10 44.74
C ASP B 167 3.07 -11.29 45.26
N ASP B 168 3.76 -12.28 44.72
CA ASP B 168 5.14 -12.57 45.13
C ASP B 168 6.09 -11.41 44.86
N VAL B 169 5.89 -10.71 43.73
CA VAL B 169 6.77 -9.60 43.36
C VAL B 169 6.47 -8.37 44.22
N ILE B 170 5.20 -8.13 44.53
CA ILE B 170 4.82 -7.05 45.45
C ILE B 170 5.52 -7.22 46.79
N GLU B 171 5.41 -8.41 47.37
CA GLU B 171 6.01 -8.70 48.69
C GLU B 171 7.53 -8.53 48.67
N ALA B 172 8.17 -8.94 47.58
CA ALA B 172 9.61 -8.76 47.42
C ALA B 172 9.96 -7.28 47.34
N ALA B 173 9.24 -6.52 46.53
CA ALA B 173 9.45 -5.07 46.38
C ALA B 173 9.28 -4.31 47.71
N LEU B 174 8.26 -4.67 48.49
CA LEU B 174 7.97 -4.01 49.77
C LEU B 174 9.04 -4.19 50.85
N VAL B 175 9.73 -5.34 50.85
CA VAL B 175 10.82 -5.58 51.80
C VAL B 175 12.21 -5.09 51.34
N MET B 176 12.32 -4.64 50.10
CA MET B 176 13.55 -3.98 49.63
C MET B 176 13.44 -2.50 49.97
N PRO B 177 14.24 -2.01 50.95
CA PRO B 177 14.10 -0.59 51.35
C PRO B 177 14.50 0.43 50.28
N ASN B 178 15.38 0.07 49.35
CA ASN B 178 15.75 0.98 48.25
C ASN B 178 14.68 1.14 47.15
N ILE B 179 13.70 0.24 47.11
CA ILE B 179 12.61 0.30 46.15
C ILE B 179 11.43 1.02 46.80
N HIS B 180 10.83 1.95 46.07
CA HIS B 180 9.56 2.56 46.46
C HIS B 180 8.50 2.07 45.47
N LEU B 181 7.61 1.19 45.91
CA LEU B 181 6.53 0.69 45.06
C LEU B 181 5.38 1.68 45.05
N ASP B 182 5.20 2.39 43.93
CA ASP B 182 4.11 3.36 43.78
C ASP B 182 2.76 2.74 43.43
N GLY B 183 2.78 1.60 42.74
CA GLY B 183 1.57 0.99 42.23
C GLY B 183 1.85 0.16 41.00
N PHE B 184 0.95 0.23 40.02
CA PHE B 184 0.93 -0.72 38.91
C PHE B 184 0.91 -0.06 37.53
N HIS B 185 1.34 -0.84 36.55
CA HIS B 185 1.40 -0.43 35.16
C HIS B 185 0.71 -1.50 34.32
N PHE B 186 -0.27 -1.09 33.51
CA PHE B 186 -0.98 -1.99 32.61
C PHE B 186 -0.89 -1.46 31.19
N HIS B 187 -0.42 -2.29 30.27
CA HIS B 187 -0.48 -1.99 28.85
C HIS B 187 -0.73 -3.27 28.05
N SER B 188 -2.00 -3.50 27.73
CA SER B 188 -2.45 -4.68 26.99
C SER B 188 -2.87 -4.35 25.56
N ILE B 189 -3.68 -3.28 25.41
CA ILE B 189 -4.38 -3.01 24.15
C ILE B 189 -3.46 -2.24 23.23
N SER B 190 -3.57 -2.56 21.95
CA SER B 190 -2.92 -1.81 20.88
C SER B 190 -4.01 -1.44 19.88
N ASN B 191 -4.05 -0.16 19.52
CA ASN B 191 -4.91 0.35 18.46
C ASN B 191 -6.42 0.07 18.64
N ASN B 192 -6.92 0.41 19.82
CA ASN B 192 -8.35 0.33 20.09
C ASN B 192 -9.06 1.59 19.67
N LEU B 193 -10.07 1.44 18.80
CA LEU B 193 -10.92 2.57 18.36
C LEU B 193 -12.23 2.70 19.15
N ASP B 194 -12.51 1.72 20.01
CA ASP B 194 -13.73 1.68 20.83
C ASP B 194 -13.53 2.39 22.17
N SER B 195 -14.00 3.63 22.26
CA SER B 195 -13.87 4.43 23.47
C SER B 195 -14.57 3.82 24.70
N ASN B 196 -15.77 3.27 24.51
CA ASN B 196 -16.51 2.59 25.60
C ASN B 196 -15.78 1.38 26.15
N LEU B 197 -15.24 0.56 25.26
CA LEU B 197 -14.42 -0.59 25.67
C LEU B 197 -13.17 -0.14 26.45
N HIS B 198 -12.56 0.98 26.05
CA HIS B 198 -11.37 1.47 26.73
C HIS B 198 -11.68 1.89 28.18
N VAL B 199 -12.86 2.46 28.40
CA VAL B 199 -13.35 2.78 29.75
C VAL B 199 -13.49 1.49 30.58
N ASP B 200 -14.05 0.45 29.99
CA ASP B 200 -14.21 -0.85 30.67
C ASP B 200 -12.86 -1.50 31.00
N VAL B 201 -11.85 -1.27 30.16
CA VAL B 201 -10.52 -1.77 30.44
C VAL B 201 -9.89 -1.05 31.62
N VAL B 202 -9.99 0.28 31.62
CA VAL B 202 -9.51 1.10 32.73
C VAL B 202 -10.16 0.68 34.05
N LYS B 203 -11.47 0.37 34.01
CA LYS B 203 -12.21 -0.09 35.18
C LYS B 203 -11.62 -1.38 35.75
N LEU B 204 -11.24 -2.30 34.86
CA LEU B 204 -10.54 -3.52 35.24
C LEU B 204 -9.22 -3.18 35.93
N TYR B 205 -8.45 -2.28 35.34
CA TYR B 205 -7.16 -1.86 35.92
C TYR B 205 -7.32 -1.30 37.33
N PHE B 206 -8.31 -0.41 37.50
CA PHE B 206 -8.64 0.16 38.82
C PHE B 206 -8.93 -0.92 39.85
N LYS B 207 -9.84 -1.83 39.52
CA LYS B 207 -10.26 -2.89 40.43
C LYS B 207 -9.11 -3.83 40.80
N LYS B 208 -8.27 -4.18 39.83
CA LYS B 208 -7.13 -5.04 40.08
C LYS B 208 -6.09 -4.36 40.99
N ALA B 209 -5.77 -3.10 40.68
CA ALA B 209 -4.83 -2.31 41.47
C ALA B 209 -5.32 -2.11 42.91
N LYS B 210 -6.60 -1.80 43.07
CA LYS B 210 -7.19 -1.64 44.42
C LYS B 210 -7.12 -2.94 45.22
N SER B 211 -7.42 -4.07 44.58
CA SER B 211 -7.37 -5.39 45.24
C SER B 211 -5.98 -5.72 45.79
N TRP B 212 -4.95 -5.57 44.96
CA TRP B 212 -3.57 -5.82 45.40
C TRP B 212 -3.14 -4.84 46.51
N SER B 213 -3.54 -3.58 46.37
CA SER B 213 -3.24 -2.59 47.40
C SER B 213 -3.86 -2.97 48.74
N GLU B 214 -5.12 -3.39 48.71
CA GLU B 214 -5.85 -3.77 49.92
C GLU B 214 -5.32 -5.08 50.52
N LYS B 215 -4.97 -6.04 49.68
CA LYS B 215 -4.40 -7.32 50.13
C LYS B 215 -3.04 -7.15 50.83
N HIS B 216 -2.16 -6.33 50.25
CA HIS B 216 -0.81 -6.16 50.76
C HIS B 216 -0.62 -4.93 51.65
N ARG B 217 -1.65 -4.08 51.77
CA ARG B 217 -1.61 -2.89 52.64
C ARG B 217 -0.38 -2.00 52.40
N PHE B 218 -0.29 -1.51 51.17
CA PHE B 218 0.63 -0.42 50.82
C PHE B 218 -0.20 0.63 50.10
N PRO B 219 0.21 1.91 50.17
CA PRO B 219 -0.62 2.94 49.55
C PRO B 219 -0.60 2.84 48.02
N LEU B 220 -1.79 2.85 47.41
CA LEU B 220 -1.91 2.89 45.96
C LEU B 220 -1.71 4.33 45.51
N LYS B 221 -0.46 4.67 45.22
CA LYS B 221 -0.08 6.04 44.90
C LYS B 221 -0.34 6.37 43.42
N HIS B 222 0.01 5.44 42.53
CA HIS B 222 -0.03 5.69 41.09
C HIS B 222 -0.43 4.48 40.27
N ILE B 223 -1.19 4.71 39.20
CA ILE B 223 -1.46 3.68 38.18
C ILE B 223 -1.13 4.23 36.79
N ASN B 224 -0.26 3.54 36.08
CA ASN B 224 -0.01 3.82 34.67
C ASN B 224 -0.96 2.96 33.86
N LEU B 225 -1.85 3.62 33.12
CA LEU B 225 -2.93 2.96 32.37
C LEU B 225 -2.55 2.57 30.96
N GLY B 226 -1.31 2.82 30.57
CA GLY B 226 -0.81 2.43 29.25
C GLY B 226 -1.15 3.41 28.17
N GLY B 227 -0.82 3.04 26.94
CA GLY B 227 -1.33 3.67 25.73
C GLY B 227 -2.35 2.83 25.00
N GLY B 228 -2.20 2.76 23.68
CA GLY B 228 -3.04 1.92 22.84
C GLY B 228 -4.36 2.55 22.39
N ILE B 229 -4.49 3.87 22.53
CA ILE B 229 -5.60 4.59 21.92
C ILE B 229 -5.39 4.48 20.42
N GLY B 230 -6.41 3.99 19.72
CA GLY B 230 -6.28 3.62 18.33
C GLY B 230 -6.44 4.74 17.32
N VAL B 231 -5.96 4.47 16.11
CA VAL B 231 -6.10 5.35 14.97
C VAL B 231 -6.69 4.51 13.82
N ASN B 232 -7.64 5.10 13.08
CA ASN B 232 -8.33 4.42 12.00
C ASN B 232 -7.68 4.74 10.65
N TYR B 233 -6.99 3.74 10.10
CA TYR B 233 -6.32 3.85 8.81
C TYR B 233 -7.22 3.41 7.64
N ALA B 234 -8.33 2.71 7.93
CA ALA B 234 -9.25 2.24 6.89
C ALA B 234 -10.27 3.32 6.54
N ASP B 235 -10.95 3.82 7.55
CA ASP B 235 -11.91 4.91 7.42
C ASP B 235 -11.41 6.08 8.26
N LEU B 236 -10.88 7.10 7.59
CA LEU B 236 -10.25 8.25 8.27
C LEU B 236 -11.23 9.19 8.99
N THR B 237 -12.53 9.05 8.69
CA THR B 237 -13.57 9.88 9.31
C THR B 237 -14.08 9.34 10.65
N SER B 238 -13.72 8.09 10.98
CA SER B 238 -14.14 7.44 12.23
C SER B 238 -12.95 7.18 13.16
N GLN B 239 -12.49 8.25 13.81
CA GLN B 239 -11.36 8.18 14.74
C GLN B 239 -11.87 7.96 16.15
N PHE B 240 -10.93 7.75 17.08
CA PHE B 240 -11.24 7.48 18.48
C PHE B 240 -12.06 8.64 19.05
N GLU B 241 -13.16 8.32 19.71
CA GLU B 241 -14.04 9.32 20.30
C GLU B 241 -13.43 9.77 21.63
N TRP B 242 -12.43 10.62 21.53
CA TRP B 242 -11.64 11.05 22.69
C TRP B 242 -12.48 11.79 23.73
N ASP B 243 -13.31 12.73 23.28
CA ASP B 243 -14.14 13.51 24.21
C ASP B 243 -15.14 12.64 24.97
N ASN B 244 -15.71 11.66 24.28
CA ASN B 244 -16.57 10.67 24.92
C ASN B 244 -15.83 9.85 25.98
N PHE B 245 -14.67 9.31 25.60
CA PHE B 245 -13.81 8.55 26.51
C PHE B 245 -13.50 9.32 27.79
N VAL B 246 -13.06 10.56 27.62
CA VAL B 246 -12.67 11.42 28.75
C VAL B 246 -13.82 11.71 29.72
N GLU B 247 -15.03 11.96 29.20
CA GLU B 247 -16.20 12.20 30.05
C GLU B 247 -16.51 10.98 30.92
N ASN B 248 -16.58 9.81 30.29
CA ASN B 248 -16.83 8.55 31.00
C ASN B 248 -15.65 8.12 31.89
N PHE B 249 -14.42 8.41 31.46
CA PHE B 249 -13.22 8.21 32.28
C PHE B 249 -13.29 9.01 33.57
N LYS B 250 -13.65 10.29 33.46
CA LYS B 250 -13.83 11.16 34.63
C LYS B 250 -14.88 10.63 35.61
N THR B 251 -16.04 10.24 35.06
CA THR B 251 -17.11 9.60 35.84
C THR B 251 -16.64 8.32 36.54
N LEU B 252 -15.89 7.49 35.83
CA LEU B 252 -15.39 6.23 36.38
C LEU B 252 -14.46 6.46 37.56
N ILE B 253 -13.59 7.46 37.46
CA ILE B 253 -12.70 7.83 38.55
C ILE B 253 -13.48 8.09 39.85
N VAL B 254 -14.60 8.80 39.73
CA VAL B 254 -15.44 9.16 40.89
C VAL B 254 -16.15 7.94 41.47
N GLU B 255 -16.78 7.14 40.60
CA GLU B 255 -17.48 5.92 41.00
C GLU B 255 -16.56 4.92 41.69
N GLN B 256 -15.33 4.79 41.19
CA GLN B 256 -14.33 3.86 41.75
C GLN B 256 -13.44 4.51 42.83
N GLU B 257 -13.74 5.76 43.19
CA GLU B 257 -13.04 6.47 44.28
C GLU B 257 -11.52 6.54 44.07
N MET B 258 -11.12 6.95 42.87
CA MET B 258 -9.71 7.03 42.49
C MET B 258 -9.16 8.47 42.44
N GLU B 259 -9.89 9.42 43.06
CA GLU B 259 -9.51 10.83 42.99
C GLU B 259 -8.14 11.14 43.61
N ASP B 260 -7.78 10.39 44.65
CA ASP B 260 -6.49 10.57 45.32
C ASP B 260 -5.37 9.69 44.76
N VAL B 261 -5.66 8.93 43.71
CA VAL B 261 -4.64 8.17 43.00
C VAL B 261 -4.26 8.94 41.74
N THR B 262 -2.96 9.18 41.56
N THR B 262 -2.96 9.18 41.56
CA THR B 262 -2.46 9.82 40.34
CA THR B 262 -2.46 9.82 40.34
C THR B 262 -2.42 8.78 39.23
C THR B 262 -2.39 8.78 39.23
N LEU B 263 -2.76 9.21 38.02
CA LEU B 263 -2.89 8.32 36.87
C LEU B 263 -2.08 8.90 35.71
N ASN B 264 -1.57 8.02 34.84
CA ASN B 264 -0.98 8.49 33.59
C ASN B 264 -1.31 7.57 32.42
N PHE B 265 -1.47 8.18 31.24
CA PHE B 265 -1.47 7.46 29.98
C PHE B 265 -0.10 7.66 29.37
N GLU B 266 0.26 6.76 28.46
CA GLU B 266 1.53 6.82 27.74
C GLU B 266 1.22 6.47 26.29
N CYS B 267 0.75 7.46 25.55
CA CYS B 267 0.27 7.27 24.19
C CYS B 267 1.33 7.64 23.19
N GLY B 268 1.45 6.86 22.11
CA GLY B 268 2.32 7.19 20.99
C GLY B 268 1.50 7.53 19.76
N ARG B 269 0.87 6.49 19.22
CA ARG B 269 0.15 6.52 17.94
C ARG B 269 -0.89 7.63 17.85
N PHE B 270 -1.75 7.71 18.85
CA PHE B 270 -2.86 8.66 18.86
C PHE B 270 -2.40 10.12 18.82
N ILE B 271 -1.23 10.39 19.41
CA ILE B 271 -0.67 11.74 19.49
C ILE B 271 -0.12 12.28 18.16
N VAL B 272 0.60 11.44 17.41
CA VAL B 272 1.32 11.92 16.21
C VAL B 272 0.89 11.35 14.84
N ALA B 273 0.02 10.33 14.80
CA ALA B 273 -0.28 9.66 13.52
C ALA B 273 -0.87 10.58 12.45
N HIS B 274 -1.91 11.34 12.80
CA HIS B 274 -2.64 12.14 11.81
C HIS B 274 -1.92 13.39 11.29
N ILE B 275 -0.84 13.80 11.94
CA ILE B 275 -0.12 15.03 11.57
C ILE B 275 1.06 14.82 10.62
N GLY B 276 1.37 13.56 10.31
CA GLY B 276 2.51 13.21 9.45
C GLY B 276 2.06 12.66 8.11
N TYR B 277 2.81 13.00 7.07
CA TYR B 277 2.54 12.55 5.69
C TYR B 277 3.83 12.07 5.06
N TYR B 278 3.74 11.00 4.25
CA TYR B 278 4.86 10.51 3.45
C TYR B 278 4.48 10.73 1.99
N VAL B 279 5.21 11.63 1.32
CA VAL B 279 4.85 12.11 -0.02
C VAL B 279 5.98 11.81 -0.99
N THR B 280 5.63 11.28 -2.16
CA THR B 280 6.64 10.77 -3.08
C THR B 280 6.16 10.76 -4.54
N GLU B 281 7.08 11.11 -5.44
CA GLU B 281 6.77 11.17 -6.88
C GLU B 281 6.67 9.80 -7.53
N VAL B 282 5.87 9.71 -8.58
CA VAL B 282 5.72 8.50 -9.38
C VAL B 282 6.87 8.46 -10.39
N LEU B 283 7.68 7.42 -10.34
CA LEU B 283 8.82 7.26 -11.27
C LEU B 283 8.46 6.49 -12.53
N ASP B 284 7.55 5.53 -12.42
CA ASP B 284 7.26 4.61 -13.51
C ASP B 284 5.88 3.99 -13.28
N ILE B 285 5.19 3.71 -14.38
CA ILE B 285 3.95 2.95 -14.37
C ILE B 285 4.11 1.84 -15.42
N LYS B 286 3.74 0.62 -15.06
CA LYS B 286 3.92 -0.53 -15.93
C LYS B 286 2.89 -1.61 -15.66
N LYS B 287 2.61 -2.38 -16.70
CA LYS B 287 1.73 -3.55 -16.64
C LYS B 287 2.60 -4.81 -16.75
N VAL B 288 2.47 -5.72 -15.79
CA VAL B 288 3.24 -6.96 -15.77
C VAL B 288 2.26 -8.12 -15.62
N HIS B 289 2.18 -8.97 -16.65
CA HIS B 289 1.23 -10.09 -16.72
C HIS B 289 -0.18 -9.73 -16.25
N GLY B 290 -0.71 -8.63 -16.80
CA GLY B 290 -2.08 -8.18 -16.50
C GLY B 290 -2.29 -7.31 -15.26
N ALA B 291 -1.22 -7.05 -14.50
CA ALA B 291 -1.31 -6.29 -13.24
C ALA B 291 -0.59 -4.96 -13.38
N TRP B 292 -1.26 -3.87 -13.02
CA TRP B 292 -0.69 -2.52 -13.11
C TRP B 292 0.06 -2.17 -11.82
N TYR B 293 1.29 -1.64 -12.00
CA TYR B 293 2.14 -1.18 -10.90
C TYR B 293 2.53 0.28 -11.10
N ALA B 294 2.51 1.07 -10.02
CA ALA B 294 3.13 2.39 -9.99
C ALA B 294 4.34 2.34 -9.05
N ILE B 295 5.50 2.69 -9.57
CA ILE B 295 6.78 2.64 -8.85
C ILE B 295 7.12 4.04 -8.33
N LEU B 296 7.22 4.16 -7.01
CA LEU B 296 7.43 5.46 -6.37
C LEU B 296 8.89 5.63 -5.92
N ARG B 297 9.31 6.88 -5.82
CA ARG B 297 10.59 7.21 -5.20
C ARG B 297 10.48 6.88 -3.72
N GLY B 298 11.57 6.38 -3.15
CA GLY B 298 11.58 5.93 -1.76
C GLY B 298 11.21 4.47 -1.68
N GLY B 299 10.51 4.09 -0.61
CA GLY B 299 10.06 2.71 -0.46
C GLY B 299 9.60 2.39 0.94
N THR B 300 9.24 1.13 1.15
CA THR B 300 8.76 0.67 2.44
C THR B 300 9.89 0.52 3.46
N GLN B 301 11.15 0.64 3.01
CA GLN B 301 12.28 0.79 3.93
C GLN B 301 12.35 2.19 4.56
N GLN B 302 11.65 3.16 3.99
CA GLN B 302 11.45 4.50 4.60
C GLN B 302 10.08 4.64 5.30
N PHE B 303 9.10 3.84 4.86
CA PHE B 303 7.74 3.88 5.40
C PHE B 303 7.20 2.44 5.42
N ARG B 304 7.61 1.69 6.42
CA ARG B 304 7.29 0.25 6.54
C ARG B 304 5.90 -0.05 7.11
N LEU B 305 5.26 0.94 7.73
CA LEU B 305 3.92 0.75 8.32
C LEU B 305 2.95 -0.13 7.50
N PRO B 306 2.71 0.20 6.21
CA PRO B 306 1.81 -0.68 5.45
C PRO B 306 2.22 -2.16 5.36
N VAL B 307 3.53 -2.44 5.28
CA VAL B 307 4.02 -3.82 5.17
C VAL B 307 3.94 -4.53 6.53
N SER B 308 4.33 -3.84 7.60
CA SER B 308 4.24 -4.38 8.96
C SER B 308 2.82 -4.80 9.34
N TRP B 309 1.85 -3.97 8.96
CA TRP B 309 0.42 -4.22 9.23
C TRP B 309 -0.29 -5.08 8.18
N GLN B 310 0.34 -5.29 7.02
CA GLN B 310 -0.29 -5.96 5.87
C GLN B 310 -1.63 -5.32 5.50
N HIS B 311 -1.66 -3.99 5.40
CA HIS B 311 -2.83 -3.27 4.92
C HIS B 311 -2.48 -2.37 3.74
N ASN B 312 -3.50 -1.80 3.13
CA ASN B 312 -3.34 -0.75 2.14
C ASN B 312 -3.38 0.59 2.86
N HIS B 313 -2.27 1.32 2.84
CA HIS B 313 -2.20 2.59 3.56
C HIS B 313 -2.98 3.66 2.80
N PRO B 314 -3.75 4.50 3.51
CA PRO B 314 -4.53 5.53 2.81
C PRO B 314 -3.64 6.58 2.14
N PHE B 315 -4.08 7.04 0.96
CA PHE B 315 -3.37 8.06 0.20
C PHE B 315 -4.31 8.87 -0.68
N GLU B 316 -3.78 10.02 -1.15
CA GLU B 316 -4.37 10.81 -2.24
C GLU B 316 -3.32 11.07 -3.31
N ILE B 317 -3.78 11.50 -4.49
CA ILE B 317 -2.92 11.71 -5.64
C ILE B 317 -2.89 13.20 -5.97
N TYR B 318 -1.69 13.76 -6.01
CA TYR B 318 -1.49 15.11 -6.52
C TYR B 318 -1.21 14.97 -8.00
N ARG B 319 -2.08 15.59 -8.81
CA ARG B 319 -2.00 15.50 -10.27
C ARG B 319 -1.16 16.65 -10.82
N TYR B 320 0.08 16.34 -11.18
CA TYR B 320 1.05 17.34 -11.64
C TYR B 320 0.84 17.62 -13.12
N LYS B 321 0.69 18.90 -13.47
CA LYS B 321 0.34 19.32 -14.84
C LYS B 321 1.46 19.27 -15.87
N ASP B 322 2.68 19.56 -15.45
CA ASP B 322 3.80 19.76 -16.39
C ASP B 322 4.58 18.48 -16.65
N ASN B 323 5.40 18.53 -17.70
CA ASN B 323 6.22 17.40 -18.15
C ASN B 323 7.65 17.89 -18.33
N PRO B 324 8.61 17.30 -17.59
CA PRO B 324 10.01 17.69 -17.80
C PRO B 324 10.69 17.06 -19.03
N TYR B 325 10.09 16.01 -19.61
CA TYR B 325 10.74 15.23 -20.67
C TYR B 325 10.20 15.54 -22.07
N SER B 326 10.99 15.20 -23.09
CA SER B 326 10.58 15.36 -24.50
C SER B 326 9.56 14.31 -24.96
N PHE B 327 9.38 13.26 -24.18
CA PHE B 327 8.45 12.17 -24.46
C PHE B 327 7.27 12.24 -23.49
N GLU B 328 6.17 11.58 -23.86
CA GLU B 328 4.93 11.67 -23.09
C GLU B 328 5.03 10.89 -21.77
N LYS B 329 4.24 11.33 -20.79
CA LYS B 329 4.12 10.61 -19.52
C LYS B 329 3.43 9.28 -19.76
N VAL B 330 3.64 8.32 -18.87
CA VAL B 330 2.84 7.10 -18.85
C VAL B 330 1.66 7.37 -17.93
N SER B 331 0.45 7.08 -18.40
CA SER B 331 -0.78 7.32 -17.62
C SER B 331 -1.69 6.12 -17.69
N ILE B 332 -2.43 5.89 -16.61
CA ILE B 332 -3.52 4.92 -16.59
C ILE B 332 -4.74 5.53 -15.88
N SER B 333 -5.90 4.91 -16.10
CA SER B 333 -7.15 5.42 -15.57
C SER B 333 -8.04 4.28 -15.13
N ARG B 334 -8.47 4.34 -13.87
CA ARG B 334 -9.47 3.44 -13.28
C ARG B 334 -9.05 1.98 -13.33
N GLN B 335 -7.86 1.73 -12.80
CA GLN B 335 -7.28 0.39 -12.71
C GLN B 335 -6.98 0.06 -11.26
N ASP B 336 -7.09 -1.24 -10.96
CA ASP B 336 -6.44 -1.82 -9.79
C ASP B 336 -4.95 -1.61 -9.98
N THR B 337 -4.34 -0.87 -9.06
CA THR B 337 -2.95 -0.49 -9.16
C THR B 337 -2.23 -0.86 -7.86
N THR B 338 -1.03 -1.41 -7.99
CA THR B 338 -0.21 -1.74 -6.84
C THR B 338 0.90 -0.70 -6.72
N LEU B 339 0.97 -0.04 -5.56
CA LEU B 339 1.97 0.98 -5.29
C LEU B 339 3.18 0.35 -4.64
N VAL B 340 4.34 0.50 -5.28
CA VAL B 340 5.60 -0.03 -4.79
C VAL B 340 6.66 1.06 -4.80
N GLY B 341 7.75 0.81 -4.08
CA GLY B 341 8.89 1.73 -4.05
C GLY B 341 10.00 1.31 -5.00
N GLN B 342 11.21 1.76 -4.70
CA GLN B 342 12.40 1.46 -5.50
C GLN B 342 13.08 0.13 -5.18
N LEU B 343 12.63 -0.58 -4.14
CA LEU B 343 13.40 -1.72 -3.64
C LEU B 343 13.32 -2.92 -4.56
N CYS B 344 14.36 -3.76 -4.47
CA CYS B 344 14.49 -4.95 -5.28
C CYS B 344 13.97 -6.16 -4.49
N THR B 345 12.75 -6.04 -4.00
CA THR B 345 12.03 -7.13 -3.34
C THR B 345 10.53 -6.99 -3.64
N PRO B 346 9.84 -8.11 -3.93
CA PRO B 346 8.40 -8.04 -4.15
C PRO B 346 7.58 -7.63 -2.92
N LYS B 347 8.17 -7.67 -1.73
CA LYS B 347 7.50 -7.22 -0.51
C LYS B 347 7.42 -5.69 -0.35
N ASP B 348 8.05 -4.92 -1.25
CA ASP B 348 8.08 -3.46 -1.16
C ASP B 348 6.75 -2.84 -1.66
N VAL B 349 5.67 -3.09 -0.90
CA VAL B 349 4.33 -2.74 -1.33
C VAL B 349 3.68 -1.80 -0.32
N PHE B 350 3.34 -0.60 -0.78
CA PHE B 350 2.57 0.38 0.01
C PHE B 350 1.08 0.08 0.01
N ALA B 351 0.59 -0.40 -1.13
CA ALA B 351 -0.84 -0.67 -1.33
C ALA B 351 -0.99 -1.65 -2.49
N ARG B 352 -1.78 -2.69 -2.28
CA ARG B 352 -1.96 -3.80 -3.21
C ARG B 352 -3.30 -3.70 -3.93
N GLU B 353 -3.28 -3.65 -5.26
CA GLU B 353 -4.49 -3.67 -6.09
C GLU B 353 -5.61 -2.77 -5.56
N VAL B 354 -5.27 -1.50 -5.41
CA VAL B 354 -6.23 -0.48 -4.98
C VAL B 354 -6.66 0.32 -6.18
N GLN B 355 -7.89 0.85 -6.12
CA GLN B 355 -8.44 1.68 -7.17
C GLN B 355 -7.65 2.99 -7.26
N ILE B 356 -7.29 3.37 -8.47
CA ILE B 356 -6.74 4.68 -8.75
C ILE B 356 -7.49 5.22 -9.95
N ASP B 357 -8.14 6.36 -9.77
CA ASP B 357 -8.95 6.97 -10.81
C ASP B 357 -8.11 7.53 -11.96
N ALA B 358 -7.01 8.18 -11.59
CA ALA B 358 -6.03 8.65 -12.57
C ALA B 358 -4.66 8.78 -11.92
N ILE B 359 -3.64 8.38 -12.65
CA ILE B 359 -2.27 8.51 -12.20
C ILE B 359 -1.35 8.54 -13.41
N SER B 360 -0.31 9.36 -13.31
CA SER B 360 0.69 9.52 -14.36
C SER B 360 2.07 9.55 -13.74
N THR B 361 3.10 9.21 -14.51
CA THR B 361 4.47 9.45 -14.10
C THR B 361 4.65 10.95 -13.84
N GLY B 362 5.35 11.27 -12.75
CA GLY B 362 5.50 12.66 -12.30
C GLY B 362 4.50 13.12 -11.26
N ASP B 363 3.37 12.41 -11.11
CA ASP B 363 2.43 12.72 -10.02
C ASP B 363 3.04 12.42 -8.66
N VAL B 364 2.41 12.92 -7.61
CA VAL B 364 2.86 12.70 -6.23
C VAL B 364 1.77 11.96 -5.46
N ILE B 365 2.16 10.85 -4.82
CA ILE B 365 1.28 10.11 -3.92
C ILE B 365 1.48 10.69 -2.53
N VAL B 366 0.38 11.05 -1.88
CA VAL B 366 0.39 11.62 -0.54
C VAL B 366 -0.19 10.57 0.40
N PHE B 367 0.69 9.83 1.08
CA PHE B 367 0.30 8.85 2.10
C PHE B 367 -0.03 9.58 3.39
N LYS B 368 -1.29 9.49 3.82
CA LYS B 368 -1.76 10.20 5.01
C LYS B 368 -1.54 9.38 6.26
N TYR B 369 -1.66 10.01 7.41
CA TYR B 369 -1.55 9.32 8.71
C TYR B 369 -0.24 8.53 8.81
N ALA B 370 0.86 9.21 8.49
CA ALA B 370 2.18 8.61 8.43
C ALA B 370 3.05 9.01 9.62
N GLY B 371 2.48 9.71 10.61
CA GLY B 371 3.27 10.30 11.68
C GLY B 371 3.78 9.36 12.76
N ALA B 372 3.06 8.25 12.97
CA ALA B 372 3.35 7.28 14.02
C ALA B 372 3.75 5.93 13.41
N TYR B 373 4.86 5.40 13.88
CA TYR B 373 5.39 4.11 13.42
C TYR B 373 5.55 4.07 11.88
N GLY B 374 6.03 5.20 11.34
CA GLY B 374 6.29 5.35 9.91
C GLY B 374 7.79 5.25 9.72
N TRP B 375 8.48 6.37 9.84
CA TRP B 375 9.94 6.39 9.79
C TRP B 375 10.58 5.60 10.96
N SER B 376 9.97 5.67 12.14
CA SER B 376 10.54 5.04 13.34
C SER B 376 10.73 3.52 13.29
N ILE B 377 9.89 2.81 12.53
CA ILE B 377 9.95 1.34 12.46
C ILE B 377 10.65 0.81 11.20
N SER B 378 11.21 1.70 10.39
CA SER B 378 11.57 1.35 9.03
C SER B 378 13.07 1.04 8.90
N HIS B 379 13.41 0.27 7.86
CA HIS B 379 14.74 -0.30 7.71
C HIS B 379 15.52 0.62 6.79
N HIS B 380 15.81 1.81 7.33
CA HIS B 380 16.25 3.01 6.58
C HIS B 380 17.33 2.74 5.54
N ASP B 381 18.31 1.94 5.90
CA ASP B 381 19.51 1.74 5.06
C ASP B 381 19.55 0.46 4.24
N PHE B 382 18.43 -0.28 4.19
CA PHE B 382 18.32 -1.43 3.28
C PHE B 382 18.34 -0.96 1.82
N LEU B 383 19.22 -1.57 1.02
CA LEU B 383 19.54 -1.13 -0.35
C LEU B 383 20.30 0.22 -0.45
N SER B 384 20.65 0.83 0.69
CA SER B 384 21.47 2.05 0.75
C SER B 384 20.92 3.26 -0.03
N HIS B 385 19.62 3.49 0.06
CA HIS B 385 19.02 4.64 -0.60
C HIS B 385 19.17 5.88 0.27
N PRO B 386 19.29 7.08 -0.35
CA PRO B 386 19.32 8.27 0.48
C PRO B 386 18.02 8.42 1.27
N HIS B 387 18.13 8.91 2.49
CA HIS B 387 16.95 9.12 3.34
C HIS B 387 16.00 10.13 2.69
N PRO B 388 14.69 10.04 3.01
CA PRO B 388 13.80 11.09 2.55
C PRO B 388 14.14 12.41 3.27
N GLU B 389 13.71 13.53 2.70
CA GLU B 389 13.86 14.83 3.35
C GLU B 389 12.73 14.96 4.37
N PHE B 390 12.95 15.75 5.41
CA PHE B 390 11.92 16.01 6.42
C PHE B 390 11.59 17.50 6.41
N ILE B 391 10.30 17.82 6.38
CA ILE B 391 9.82 19.20 6.43
C ILE B 391 8.83 19.34 7.59
N TYR B 392 9.07 20.31 8.46
CA TYR B 392 8.20 20.57 9.61
C TYR B 392 7.47 21.90 9.42
N LEU B 393 6.16 21.84 9.27
CA LEU B 393 5.35 23.04 9.02
C LEU B 393 4.96 23.70 10.33
N THR B 394 5.13 25.02 10.41
CA THR B 394 4.93 25.81 11.65
C THR B 394 3.99 27.00 11.45
N ARG C 2 -6.39 -8.87 -21.37
CA ARG C 2 -5.91 -8.60 -19.98
C ARG C 2 -6.86 -9.21 -18.94
N ILE C 3 -8.06 -8.66 -18.85
CA ILE C 3 -9.18 -9.26 -18.12
C ILE C 3 -9.87 -10.31 -19.03
N VAL C 4 -9.99 -9.99 -20.32
CA VAL C 4 -10.73 -10.82 -21.27
C VAL C 4 -9.92 -11.92 -21.95
N GLN C 5 -8.59 -11.84 -21.88
CA GLN C 5 -7.71 -12.75 -22.62
C GLN C 5 -7.85 -14.20 -22.14
N PRO C 6 -7.87 -14.43 -20.81
CA PRO C 6 -8.14 -15.79 -20.32
C PRO C 6 -9.49 -16.37 -20.80
N VAL C 7 -10.51 -15.51 -20.89
CA VAL C 7 -11.83 -15.92 -21.38
C VAL C 7 -11.75 -16.32 -22.85
N ILE C 8 -11.07 -15.49 -23.65
CA ILE C 8 -10.90 -15.77 -25.08
C ILE C 8 -10.14 -17.09 -25.29
N GLU C 9 -9.09 -17.33 -24.51
CA GLU C 9 -8.31 -18.56 -24.61
C GLU C 9 -9.16 -19.81 -24.35
N GLN C 10 -9.96 -19.78 -23.29
CA GLN C 10 -10.85 -20.92 -22.95
C GLN C 10 -11.91 -21.18 -24.02
N LEU C 11 -12.52 -20.11 -24.54
CA LEU C 11 -13.48 -20.21 -25.65
C LEU C 11 -12.87 -20.82 -26.90
N LYS C 12 -11.66 -20.39 -27.26
CA LYS C 12 -10.95 -20.99 -28.41
C LYS C 12 -10.61 -22.46 -28.17
N ALA C 13 -10.06 -22.78 -26.99
CA ALA C 13 -9.65 -24.16 -26.67
C ALA C 13 -10.81 -25.16 -26.69
N GLN C 14 -12.00 -24.72 -26.29
CA GLN C 14 -13.20 -25.58 -26.30
C GLN C 14 -14.12 -25.37 -27.52
N SER C 15 -13.61 -24.72 -28.57
CA SER C 15 -14.31 -24.53 -29.84
C SER C 15 -15.65 -23.76 -29.75
N HIS C 16 -15.75 -22.85 -28.78
CA HIS C 16 -16.93 -21.99 -28.65
C HIS C 16 -16.73 -20.79 -29.56
N PRO C 17 -17.76 -20.43 -30.33
CA PRO C 17 -17.66 -19.16 -31.07
C PRO C 17 -17.58 -17.95 -30.12
N VAL C 18 -16.80 -16.95 -30.53
CA VAL C 18 -16.58 -15.75 -29.73
C VAL C 18 -17.48 -14.65 -30.26
N CYS C 19 -18.55 -14.39 -29.52
CA CYS C 19 -19.36 -13.20 -29.65
C CYS C 19 -20.00 -12.93 -28.29
N HIS C 20 -19.31 -12.14 -27.47
CA HIS C 20 -19.62 -12.03 -26.04
C HIS C 20 -19.55 -10.59 -25.52
N TYR C 21 -20.41 -10.30 -24.54
CA TYR C 21 -20.20 -9.18 -23.63
C TYR C 21 -19.50 -9.73 -22.39
N ILE C 22 -18.38 -9.11 -21.99
CA ILE C 22 -17.65 -9.51 -20.78
C ILE C 22 -17.60 -8.31 -19.84
N TYR C 23 -18.00 -8.52 -18.60
CA TYR C 23 -17.98 -7.47 -17.57
C TYR C 23 -17.04 -7.81 -16.41
N ASP C 24 -16.27 -6.82 -15.98
CA ASP C 24 -15.36 -6.93 -14.85
C ASP C 24 -16.07 -6.37 -13.60
N LEU C 25 -16.76 -7.24 -12.86
CA LEU C 25 -17.51 -6.81 -11.67
C LEU C 25 -16.62 -6.35 -10.52
N VAL C 26 -15.41 -6.91 -10.43
CA VAL C 26 -14.45 -6.53 -9.38
C VAL C 26 -13.98 -5.10 -9.62
N GLY C 27 -13.62 -4.80 -10.86
CA GLY C 27 -13.35 -3.42 -11.30
C GLY C 27 -14.50 -2.48 -11.01
N LEU C 28 -15.73 -2.94 -11.25
CA LEU C 28 -16.92 -2.13 -10.99
C LEU C 28 -17.06 -1.80 -9.51
N GLU C 29 -16.87 -2.81 -8.66
CA GLU C 29 -16.91 -2.63 -7.20
C GLU C 29 -15.87 -1.63 -6.70
N HIS C 30 -14.64 -1.76 -7.17
CA HIS C 30 -13.56 -0.86 -6.77
C HIS C 30 -13.78 0.56 -7.24
N HIS C 31 -14.27 0.72 -8.47
CA HIS C 31 -14.65 2.03 -8.97
C HIS C 31 -15.74 2.67 -8.10
N LEU C 32 -16.82 1.94 -7.87
CA LEU C 32 -17.96 2.42 -7.07
C LEU C 32 -17.59 2.78 -5.62
N GLN C 33 -16.80 1.90 -5.00
CA GLN C 33 -16.24 2.13 -3.67
C GLN C 33 -15.47 3.46 -3.60
N HIS C 34 -14.63 3.71 -4.61
CA HIS C 34 -13.82 4.93 -4.66
C HIS C 34 -14.66 6.20 -4.86
N ILE C 35 -15.63 6.12 -5.76
CA ILE C 35 -16.52 7.25 -6.08
C ILE C 35 -17.39 7.61 -4.87
N THR C 36 -18.06 6.61 -4.31
CA THR C 36 -18.97 6.84 -3.19
C THR C 36 -18.23 7.30 -1.91
N SER C 37 -17.08 6.71 -1.61
N SER C 37 -17.09 6.70 -1.61
CA SER C 37 -16.29 7.11 -0.43
CA SER C 37 -16.24 7.11 -0.46
C SER C 37 -15.70 8.53 -0.53
C SER C 37 -15.76 8.55 -0.54
N SER C 38 -15.44 9.00 -1.76
CA SER C 38 -14.91 10.36 -1.97
C SER C 38 -15.91 11.50 -1.78
N LEU C 39 -17.22 11.23 -1.87
CA LEU C 39 -18.20 12.32 -1.83
C LEU C 39 -18.39 12.88 -0.42
N PRO C 40 -18.72 14.17 -0.31
CA PRO C 40 -19.02 14.71 1.02
C PRO C 40 -20.31 14.09 1.58
N SER C 41 -20.52 14.24 2.89
CA SER C 41 -21.61 13.57 3.59
C SER C 41 -23.01 14.02 3.15
N ASN C 42 -23.15 15.24 2.63
CA ASN C 42 -24.45 15.74 2.14
C ASN C 42 -24.75 15.43 0.66
N CYS C 43 -23.86 14.71 -0.03
CA CYS C 43 -24.08 14.33 -1.44
C CYS C 43 -23.90 12.83 -1.69
N GLN C 44 -24.88 12.23 -2.36
CA GLN C 44 -24.87 10.78 -2.63
C GLN C 44 -24.91 10.50 -4.13
N MET C 45 -24.39 9.35 -4.54
CA MET C 45 -24.40 8.93 -5.93
C MET C 45 -25.57 7.99 -6.17
N TYR C 46 -26.42 8.33 -7.15
CA TYR C 46 -27.40 7.39 -7.68
C TYR C 46 -26.93 6.90 -9.05
N TYR C 47 -27.24 5.65 -9.36
CA TYR C 47 -26.95 5.08 -10.69
C TYR C 47 -28.13 5.25 -11.66
N ALA C 48 -27.87 5.91 -12.79
CA ALA C 48 -28.85 6.09 -13.85
C ALA C 48 -28.85 4.81 -14.66
N MET C 49 -29.85 3.94 -14.43
CA MET C 49 -29.75 2.57 -14.92
C MET C 49 -29.91 2.38 -16.43
N LYS C 50 -30.40 3.40 -17.14
CA LYS C 50 -30.52 3.33 -18.61
C LYS C 50 -29.20 3.01 -19.34
N ALA C 51 -28.07 3.37 -18.73
CA ALA C 51 -26.74 3.04 -19.26
C ALA C 51 -26.47 1.54 -19.35
N ASN C 52 -27.03 0.79 -18.41
CA ASN C 52 -26.90 -0.67 -18.35
C ASN C 52 -27.76 -1.18 -17.19
N SER C 53 -28.90 -1.79 -17.51
CA SER C 53 -29.81 -2.33 -16.49
C SER C 53 -29.85 -3.86 -16.46
N GLU C 54 -28.74 -4.50 -16.84
CA GLU C 54 -28.60 -5.95 -16.73
C GLU C 54 -28.66 -6.32 -15.25
N ARG C 55 -29.39 -7.39 -14.93
CA ARG C 55 -29.68 -7.74 -13.53
C ARG C 55 -28.41 -7.89 -12.67
N THR C 56 -27.42 -8.59 -13.20
CA THR C 56 -26.17 -8.83 -12.48
C THR C 56 -25.40 -7.53 -12.24
N ILE C 57 -25.45 -6.62 -13.20
CA ILE C 57 -24.80 -5.31 -13.05
C ILE C 57 -25.50 -4.49 -11.96
N LEU C 58 -26.84 -4.44 -12.01
CA LEU C 58 -27.63 -3.74 -10.98
C LEU C 58 -27.37 -4.29 -9.58
N ASP C 59 -27.19 -5.61 -9.48
CA ASP C 59 -26.89 -6.27 -8.22
C ASP C 59 -25.59 -5.73 -7.61
N THR C 60 -24.51 -5.77 -8.39
CA THR C 60 -23.21 -5.25 -7.96
C THR C 60 -23.27 -3.77 -7.62
N ILE C 61 -23.95 -2.97 -8.45
CA ILE C 61 -24.05 -1.52 -8.24
C ILE C 61 -24.84 -1.16 -6.97
N SER C 62 -25.93 -1.88 -6.70
CA SER C 62 -26.80 -1.62 -5.55
C SER C 62 -26.08 -1.70 -4.20
N GLN C 63 -25.04 -2.53 -4.13
CA GLN C 63 -24.25 -2.70 -2.92
C GLN C 63 -23.47 -1.44 -2.51
N TYR C 64 -23.22 -0.51 -3.44
CA TYR C 64 -22.44 0.72 -3.19
C TYR C 64 -23.20 2.04 -3.30
N VAL C 65 -24.07 2.16 -4.30
CA VAL C 65 -24.79 3.42 -4.52
C VAL C 65 -25.91 3.62 -3.52
N GLU C 66 -26.27 4.87 -3.32
CA GLU C 66 -27.42 5.23 -2.49
C GLU C 66 -28.72 4.68 -3.07
N GLY C 67 -28.81 4.67 -4.39
CA GLY C 67 -30.03 4.28 -5.05
C GLY C 67 -29.95 4.34 -6.57
N PHE C 68 -31.10 4.12 -7.20
CA PHE C 68 -31.18 4.10 -8.65
C PHE C 68 -31.97 5.30 -9.12
N GLU C 69 -31.52 5.90 -10.21
CA GLU C 69 -32.32 6.83 -10.97
C GLU C 69 -32.96 6.03 -12.10
N VAL C 70 -34.26 6.23 -12.27
CA VAL C 70 -35.06 5.46 -13.22
C VAL C 70 -35.90 6.41 -14.04
N ALA C 71 -36.30 5.98 -15.23
CA ALA C 71 -37.11 6.81 -16.09
C ALA C 71 -38.27 6.09 -16.77
N SER C 72 -38.72 4.97 -16.19
CA SER C 72 -39.90 4.25 -16.66
C SER C 72 -40.40 3.28 -15.60
N GLN C 73 -41.64 2.81 -15.75
CA GLN C 73 -42.17 1.76 -14.88
C GLN C 73 -41.31 0.48 -14.90
N GLY C 74 -40.74 0.15 -16.06
CA GLY C 74 -39.87 -1.01 -16.15
C GLY C 74 -38.59 -0.89 -15.35
N GLU C 75 -37.99 0.31 -15.37
CA GLU C 75 -36.80 0.59 -14.58
C GLU C 75 -37.09 0.64 -13.07
N ILE C 76 -38.26 1.15 -12.69
CA ILE C 76 -38.70 1.10 -11.29
C ILE C 76 -38.72 -0.36 -10.82
N ALA C 77 -39.38 -1.22 -11.59
CA ALA C 77 -39.47 -2.65 -11.27
C ALA C 77 -38.11 -3.34 -11.15
N LYS C 78 -37.19 -3.02 -12.07
CA LYS C 78 -35.82 -3.55 -12.03
C LYS C 78 -35.06 -3.05 -10.79
N GLY C 79 -35.28 -1.79 -10.44
CA GLY C 79 -34.67 -1.20 -9.26
C GLY C 79 -35.16 -1.82 -7.95
N LEU C 80 -36.46 -2.12 -7.89
CA LEU C 80 -37.06 -2.72 -6.69
C LEU C 80 -36.54 -4.12 -6.34
N ALA C 81 -35.89 -4.79 -7.29
CA ALA C 81 -35.18 -6.05 -7.00
C ALA C 81 -34.03 -5.86 -6.00
N PHE C 82 -33.42 -4.66 -5.98
CA PHE C 82 -32.22 -4.40 -5.18
C PHE C 82 -32.25 -3.20 -4.23
N LYS C 83 -33.18 -2.26 -4.42
CA LYS C 83 -33.35 -1.12 -3.52
C LYS C 83 -34.81 -0.97 -3.15
N PRO C 84 -35.09 -0.43 -1.95
CA PRO C 84 -36.47 -0.09 -1.63
C PRO C 84 -36.89 1.15 -2.41
N ALA C 85 -38.19 1.31 -2.61
CA ALA C 85 -38.77 2.44 -3.36
C ALA C 85 -38.27 3.80 -2.87
N ASN C 86 -38.11 3.96 -1.55
CA ASN C 86 -37.62 5.21 -0.97
C ASN C 86 -36.11 5.52 -1.20
N HIS C 87 -35.44 4.69 -2.01
CA HIS C 87 -34.13 5.00 -2.57
C HIS C 87 -34.14 4.90 -4.11
N ILE C 88 -35.31 5.13 -4.69
CA ILE C 88 -35.46 5.19 -6.15
C ILE C 88 -36.04 6.56 -6.50
N ILE C 89 -35.41 7.21 -7.46
CA ILE C 89 -35.80 8.55 -7.91
C ILE C 89 -36.14 8.50 -9.40
N PHE C 90 -37.22 9.17 -9.79
CA PHE C 90 -37.91 8.91 -11.07
C PHE C 90 -38.00 10.18 -11.90
N GLY C 91 -37.29 10.21 -13.02
CA GLY C 91 -37.32 11.35 -13.97
C GLY C 91 -37.87 10.96 -15.33
N GLY C 92 -38.03 11.94 -16.21
CA GLY C 92 -38.45 11.68 -17.61
C GLY C 92 -39.51 12.66 -18.11
N PRO C 93 -39.42 13.07 -19.39
CA PRO C 93 -40.37 14.06 -19.92
C PRO C 93 -41.79 13.55 -20.21
N GLY C 94 -42.01 12.24 -20.17
CA GLY C 94 -43.29 11.66 -20.58
C GLY C 94 -43.76 10.55 -19.67
N LYS C 95 -43.90 10.88 -18.38
CA LYS C 95 -44.37 9.91 -17.40
C LYS C 95 -45.86 9.74 -17.57
N THR C 96 -46.28 8.51 -17.86
CA THR C 96 -47.68 8.20 -18.08
C THR C 96 -48.39 8.17 -16.73
N ASP C 97 -49.72 8.29 -16.74
CA ASP C 97 -50.51 8.18 -15.51
C ASP C 97 -50.29 6.80 -14.85
N GLU C 98 -50.16 5.78 -15.68
CA GLU C 98 -49.86 4.43 -15.23
C GLU C 98 -48.53 4.37 -14.45
N GLU C 99 -47.50 5.01 -14.99
CA GLU C 99 -46.19 5.09 -14.35
C GLU C 99 -46.20 5.91 -13.07
N LEU C 100 -46.90 7.04 -13.10
CA LEU C 100 -47.07 7.90 -11.95
C LEU C 100 -47.82 7.17 -10.82
N ARG C 101 -48.91 6.50 -11.15
CA ARG C 101 -49.68 5.72 -10.17
C ARG C 101 -48.82 4.60 -9.55
N TYR C 102 -48.08 3.90 -10.40
CA TYR C 102 -47.12 2.88 -9.94
C TYR C 102 -46.05 3.45 -9.00
N ALA C 103 -45.49 4.61 -9.34
CA ALA C 103 -44.45 5.25 -8.51
C ALA C 103 -45.00 5.71 -7.15
N VAL C 104 -46.19 6.30 -7.17
CA VAL C 104 -46.88 6.74 -5.95
C VAL C 104 -47.21 5.53 -5.08
N SER C 105 -47.77 4.50 -5.70
CA SER C 105 -48.16 3.28 -4.98
C SER C 105 -46.97 2.56 -4.31
N GLU C 106 -45.84 2.50 -5.00
CA GLU C 106 -44.62 1.92 -4.44
C GLU C 106 -43.95 2.84 -3.42
N GLY C 107 -44.13 4.15 -3.59
CA GLY C 107 -43.59 5.13 -2.66
C GLY C 107 -42.17 5.51 -3.01
N VAL C 108 -41.95 5.88 -4.28
CA VAL C 108 -40.61 6.32 -4.74
C VAL C 108 -40.17 7.56 -3.96
N GLN C 109 -38.86 7.73 -3.85
CA GLN C 109 -38.27 8.75 -2.99
C GLN C 109 -38.62 10.14 -3.51
N ARG C 110 -38.35 10.37 -4.79
CA ARG C 110 -38.73 11.61 -5.47
C ARG C 110 -39.14 11.35 -6.90
N ILE C 111 -40.09 12.14 -7.36
CA ILE C 111 -40.43 12.26 -8.76
C ILE C 111 -39.84 13.60 -9.24
N HIS C 112 -39.09 13.56 -10.33
CA HIS C 112 -38.53 14.76 -10.93
C HIS C 112 -39.46 15.26 -12.02
N VAL C 113 -40.22 16.29 -11.70
CA VAL C 113 -41.34 16.75 -12.50
C VAL C 113 -40.85 17.72 -13.59
N GLU C 114 -41.20 17.42 -14.84
CA GLU C 114 -40.68 18.14 -16.00
C GLU C 114 -41.63 19.18 -16.63
N SER C 115 -42.86 19.32 -16.12
CA SER C 115 -43.81 20.28 -16.67
C SER C 115 -44.99 20.56 -15.77
N MET C 116 -45.68 21.66 -16.07
CA MET C 116 -46.94 22.00 -15.40
C MET C 116 -47.97 20.90 -15.62
N HIS C 117 -48.05 20.35 -16.83
CA HIS C 117 -49.06 19.34 -17.11
C HIS C 117 -48.82 18.07 -16.30
N GLU C 118 -47.56 17.62 -16.21
CA GLU C 118 -47.19 16.46 -15.40
C GLU C 118 -47.49 16.68 -13.92
N LEU C 119 -47.16 17.87 -13.43
CA LEU C 119 -47.47 18.26 -12.05
C LEU C 119 -48.97 18.10 -11.77
N GLN C 120 -49.80 18.63 -12.65
CA GLN C 120 -51.25 18.52 -12.51
C GLN C 120 -51.73 17.07 -12.59
N ARG C 121 -51.15 16.28 -13.49
CA ARG C 121 -51.49 14.86 -13.58
C ARG C 121 -51.09 14.06 -12.33
N LEU C 122 -49.90 14.36 -11.80
CA LEU C 122 -49.41 13.73 -10.57
C LEU C 122 -50.28 14.10 -9.37
N ASN C 123 -50.60 15.38 -9.27
CA ASN C 123 -51.52 15.89 -8.25
C ASN C 123 -52.86 15.16 -8.25
N ALA C 124 -53.44 14.96 -9.43
CA ALA C 124 -54.73 14.28 -9.58
C ALA C 124 -54.66 12.83 -9.12
N ILE C 125 -53.56 12.15 -9.45
CA ILE C 125 -53.30 10.79 -8.99
C ILE C 125 -53.15 10.77 -7.47
N LEU C 126 -52.42 11.75 -6.92
CA LEU C 126 -52.25 11.86 -5.48
C LEU C 126 -53.56 12.16 -4.71
N GLU C 127 -54.47 12.94 -5.31
CA GLU C 127 -55.78 13.18 -4.70
C GLU C 127 -56.59 11.89 -4.67
N ASP C 128 -56.58 11.16 -5.79
CA ASP C 128 -57.28 9.86 -5.91
C ASP C 128 -56.79 8.82 -4.90
N GLU C 129 -55.49 8.80 -4.62
CA GLU C 129 -54.90 7.90 -3.62
C GLU C 129 -54.86 8.48 -2.19
N ASP C 130 -55.19 9.77 -2.02
CA ASP C 130 -55.02 10.52 -0.76
C ASP C 130 -53.61 10.29 -0.20
N LYS C 131 -52.62 10.63 -1.03
CA LYS C 131 -51.21 10.51 -0.68
C LYS C 131 -50.49 11.80 -1.00
N THR C 132 -49.28 11.90 -0.47
CA THR C 132 -48.39 13.03 -0.72
C THR C 132 -47.12 12.53 -1.39
N GLN C 133 -46.45 13.40 -2.14
CA GLN C 133 -45.22 13.01 -2.85
C GLN C 133 -44.17 14.12 -2.80
N HIS C 134 -42.95 13.73 -2.46
CA HIS C 134 -41.78 14.59 -2.58
C HIS C 134 -41.34 14.67 -4.04
N ILE C 135 -41.21 15.89 -4.54
CA ILE C 135 -40.77 16.13 -5.92
C ILE C 135 -39.58 17.09 -5.97
N LEU C 136 -38.89 17.04 -7.09
CA LEU C 136 -38.06 18.15 -7.56
C LEU C 136 -38.71 18.67 -8.83
N LEU C 137 -38.42 19.92 -9.18
CA LEU C 137 -38.75 20.44 -10.48
C LEU C 137 -37.49 20.42 -11.33
N ARG C 138 -37.54 19.68 -12.44
CA ARG C 138 -36.47 19.69 -13.42
C ARG C 138 -36.50 20.98 -14.22
N VAL C 139 -35.36 21.66 -14.23
CA VAL C 139 -35.22 22.96 -14.83
C VAL C 139 -34.35 22.86 -16.08
N ASN C 140 -34.74 23.58 -17.12
CA ASN C 140 -33.97 23.72 -18.34
C ASN C 140 -33.47 25.15 -18.43
N LEU C 141 -32.24 25.37 -17.98
CA LEU C 141 -31.65 26.72 -17.91
C LEU C 141 -31.29 27.29 -19.27
N ALA C 142 -31.41 28.62 -19.38
CA ALA C 142 -30.95 29.37 -20.55
C ALA C 142 -29.50 29.77 -20.35
N ALA C 153 -25.72 22.90 -24.34
CA ALA C 153 -26.14 23.46 -23.06
C ALA C 153 -26.90 24.78 -23.25
N GLY C 154 -28.16 24.83 -22.81
CA GLY C 154 -29.03 26.00 -22.98
C GLY C 154 -29.84 26.04 -24.26
N ARG C 155 -29.59 25.09 -25.17
CA ARG C 155 -30.35 24.96 -26.41
C ARG C 155 -31.76 24.40 -26.13
N PRO C 156 -32.70 24.54 -27.09
CA PRO C 156 -34.00 23.92 -26.86
C PRO C 156 -33.89 22.39 -26.88
N THR C 157 -34.38 21.77 -25.81
CA THR C 157 -34.67 20.35 -25.79
C THR C 157 -36.08 20.18 -25.25
N GLN C 158 -36.56 18.94 -25.26
CA GLN C 158 -37.86 18.59 -24.70
C GLN C 158 -37.89 18.46 -23.16
N PHE C 159 -36.73 18.64 -22.51
CA PHE C 159 -36.58 18.23 -21.12
C PHE C 159 -36.79 19.36 -20.14
N GLY C 160 -37.48 19.05 -19.04
CA GLY C 160 -37.65 19.98 -17.94
C GLY C 160 -38.51 21.17 -18.29
N ILE C 161 -38.43 22.17 -17.41
CA ILE C 161 -39.22 23.39 -17.49
C ILE C 161 -38.27 24.49 -17.95
N SER C 162 -38.64 25.14 -19.05
CA SER C 162 -37.87 26.28 -19.57
C SER C 162 -37.72 27.33 -18.48
N GLU C 163 -36.49 27.83 -18.31
CA GLU C 163 -36.14 28.69 -17.18
C GLU C 163 -37.16 29.78 -16.80
N ASP C 164 -37.70 30.45 -17.80
CA ASP C 164 -38.63 31.56 -17.58
C ASP C 164 -40.04 31.13 -17.17
N GLU C 165 -40.34 29.84 -17.30
CA GLU C 165 -41.61 29.26 -16.82
C GLU C 165 -41.48 28.68 -15.40
N VAL C 166 -40.25 28.59 -14.88
CA VAL C 166 -40.00 27.91 -13.60
C VAL C 166 -40.72 28.60 -12.41
N ASP C 167 -40.74 29.93 -12.40
CA ASP C 167 -41.45 30.68 -11.34
C ASP C 167 -42.92 30.25 -11.24
N ASP C 168 -43.60 30.17 -12.38
CA ASP C 168 -45.01 29.79 -12.43
C ASP C 168 -45.28 28.37 -11.97
N VAL C 169 -44.36 27.44 -12.29
CA VAL C 169 -44.51 26.05 -11.87
C VAL C 169 -44.20 25.87 -10.37
N ILE C 170 -43.19 26.59 -9.86
CA ILE C 170 -42.93 26.61 -8.42
C ILE C 170 -44.20 26.99 -7.65
N GLU C 171 -44.82 28.11 -8.05
CA GLU C 171 -46.02 28.61 -7.38
C GLU C 171 -47.18 27.62 -7.44
N ALA C 172 -47.30 26.93 -8.57
CA ALA C 172 -48.32 25.90 -8.74
C ALA C 172 -48.09 24.73 -7.78
N ALA C 173 -46.84 24.26 -7.70
CA ALA C 173 -46.49 23.16 -6.78
C ALA C 173 -46.66 23.58 -5.31
N LEU C 174 -46.28 24.83 -5.00
CA LEU C 174 -46.41 25.35 -3.63
C LEU C 174 -47.86 25.47 -3.15
N VAL C 175 -48.81 25.67 -4.07
CA VAL C 175 -50.23 25.72 -3.69
C VAL C 175 -50.93 24.35 -3.64
N MET C 176 -50.23 23.28 -4.01
CA MET C 176 -50.80 21.92 -3.98
C MET C 176 -50.48 21.19 -2.67
N PRO C 177 -51.51 20.91 -1.82
CA PRO C 177 -51.26 20.18 -0.56
C PRO C 177 -50.61 18.80 -0.70
N ASN C 178 -50.88 18.11 -1.79
CA ASN C 178 -50.33 16.77 -2.00
C ASN C 178 -48.85 16.76 -2.42
N ILE C 179 -48.28 17.92 -2.73
CA ILE C 179 -46.91 18.04 -3.21
C ILE C 179 -45.98 18.56 -2.11
N HIS C 180 -44.83 17.90 -1.93
CA HIS C 180 -43.73 18.43 -1.12
C HIS C 180 -42.59 18.81 -2.06
N LEU C 181 -42.42 20.10 -2.29
CA LEU C 181 -41.37 20.60 -3.17
C LEU C 181 -40.03 20.66 -2.41
N ASP C 182 -39.18 19.67 -2.64
CA ASP C 182 -37.86 19.61 -1.97
C ASP C 182 -36.85 20.58 -2.57
N GLY C 183 -36.99 20.86 -3.86
CA GLY C 183 -36.01 21.65 -4.59
C GLY C 183 -36.01 21.36 -6.08
N PHE C 184 -34.80 21.32 -6.67
CA PHE C 184 -34.63 21.44 -8.12
C PHE C 184 -33.72 20.36 -8.68
N HIS C 185 -33.97 20.03 -9.96
CA HIS C 185 -33.23 19.01 -10.68
C HIS C 185 -32.64 19.66 -11.94
N PHE C 186 -31.34 19.47 -12.16
CA PHE C 186 -30.64 20.02 -13.31
C PHE C 186 -29.90 18.88 -14.02
N HIS C 187 -30.13 18.73 -15.31
CA HIS C 187 -29.32 17.86 -16.15
C HIS C 187 -29.17 18.54 -17.51
N SER C 188 -28.24 19.48 -17.57
CA SER C 188 -28.05 20.37 -18.73
C SER C 188 -26.88 19.97 -19.63
N ILE C 189 -25.97 19.15 -19.12
CA ILE C 189 -24.69 18.89 -19.79
C ILE C 189 -24.54 17.39 -20.05
N SER C 190 -24.02 17.03 -21.23
CA SER C 190 -23.85 15.64 -21.62
C SER C 190 -22.38 15.38 -21.92
N ASN C 191 -21.92 14.21 -21.50
CA ASN C 191 -20.54 13.74 -21.72
C ASN C 191 -19.42 14.79 -21.57
N ASN C 192 -19.46 15.54 -20.47
CA ASN C 192 -18.41 16.50 -20.16
C ASN C 192 -17.14 15.82 -19.60
N LEU C 193 -16.00 16.11 -20.23
CA LEU C 193 -14.71 15.59 -19.80
C LEU C 193 -13.87 16.56 -18.97
N ASP C 194 -14.37 17.77 -18.76
CA ASP C 194 -13.64 18.86 -18.08
C ASP C 194 -14.15 19.04 -16.64
N SER C 195 -13.34 18.63 -15.67
CA SER C 195 -13.71 18.67 -14.25
C SER C 195 -13.97 20.09 -13.72
N ASN C 196 -13.14 21.05 -14.12
CA ASN C 196 -13.30 22.45 -13.68
C ASN C 196 -14.59 23.09 -14.21
N LEU C 197 -14.91 22.81 -15.47
CA LEU C 197 -16.16 23.25 -16.08
C LEU C 197 -17.37 22.69 -15.32
N HIS C 198 -17.30 21.41 -14.94
CA HIS C 198 -18.39 20.78 -14.21
C HIS C 198 -18.61 21.45 -12.85
N VAL C 199 -17.52 21.80 -12.16
CA VAL C 199 -17.60 22.56 -10.90
C VAL C 199 -18.34 23.89 -11.12
N ASP C 200 -17.98 24.63 -12.17
CA ASP C 200 -18.65 25.89 -12.53
C ASP C 200 -20.15 25.71 -12.81
N VAL C 201 -20.49 24.62 -13.50
CA VAL C 201 -21.88 24.28 -13.79
C VAL C 201 -22.65 24.05 -12.48
N VAL C 202 -22.06 23.28 -11.57
CA VAL C 202 -22.64 23.03 -10.26
C VAL C 202 -22.85 24.34 -9.49
N LYS C 203 -21.87 25.25 -9.58
CA LYS C 203 -21.97 26.57 -8.96
C LYS C 203 -23.19 27.33 -9.48
N LEU C 204 -23.41 27.26 -10.80
CA LEU C 204 -24.59 27.88 -11.42
C LEU C 204 -25.89 27.28 -10.88
N TYR C 205 -25.94 25.96 -10.76
CA TYR C 205 -27.10 25.26 -10.18
C TYR C 205 -27.43 25.73 -8.75
N PHE C 206 -26.39 25.82 -7.91
CA PHE C 206 -26.54 26.34 -6.54
C PHE C 206 -27.13 27.74 -6.52
N LYS C 207 -26.56 28.64 -7.32
CA LYS C 207 -27.04 30.02 -7.41
C LYS C 207 -28.51 30.09 -7.81
N LYS C 208 -28.87 29.37 -8.88
CA LYS C 208 -30.22 29.37 -9.39
C LYS C 208 -31.23 28.80 -8.37
N ALA C 209 -30.88 27.68 -7.75
CA ALA C 209 -31.74 27.05 -6.74
C ALA C 209 -31.95 27.92 -5.49
N LYS C 210 -30.86 28.46 -4.96
CA LYS C 210 -30.96 29.36 -3.81
C LYS C 210 -31.82 30.59 -4.13
N SER C 211 -31.63 31.15 -5.32
CA SER C 211 -32.38 32.32 -5.76
C SER C 211 -33.89 32.05 -5.85
N TRP C 212 -34.29 30.91 -6.42
CA TRP C 212 -35.71 30.55 -6.51
C TRP C 212 -36.34 30.28 -5.14
N SER C 213 -35.61 29.58 -4.28
CA SER C 213 -36.11 29.28 -2.94
C SER C 213 -36.31 30.55 -2.11
N GLU C 214 -35.40 31.51 -2.26
CA GLU C 214 -35.55 32.80 -1.60
C GLU C 214 -36.74 33.57 -2.15
N LYS C 215 -36.82 33.65 -3.48
CA LYS C 215 -37.91 34.37 -4.14
C LYS C 215 -39.29 33.82 -3.74
N HIS C 216 -39.43 32.50 -3.72
CA HIS C 216 -40.70 31.85 -3.43
C HIS C 216 -40.89 31.42 -1.98
N ARG C 217 -39.94 31.75 -1.11
CA ARG C 217 -40.07 31.60 0.35
C ARG C 217 -40.37 30.16 0.79
N PHE C 218 -39.54 29.23 0.33
CA PHE C 218 -39.67 27.84 0.76
C PHE C 218 -38.26 27.30 1.02
N PRO C 219 -38.14 26.37 1.98
CA PRO C 219 -36.82 25.86 2.34
C PRO C 219 -36.26 24.96 1.25
N LEU C 220 -35.08 25.29 0.78
CA LEU C 220 -34.40 24.47 -0.23
C LEU C 220 -33.82 23.26 0.46
N LYS C 221 -34.47 22.10 0.34
CA LYS C 221 -33.98 20.88 0.97
C LYS C 221 -32.99 20.08 0.13
N HIS C 222 -33.18 20.05 -1.18
CA HIS C 222 -32.40 19.16 -2.04
C HIS C 222 -32.17 19.72 -3.44
N ILE C 223 -31.00 19.40 -4.00
CA ILE C 223 -30.71 19.65 -5.41
C ILE C 223 -30.18 18.37 -6.04
N ASN C 224 -30.77 17.97 -7.15
CA ASN C 224 -30.26 16.90 -7.99
C ASN C 224 -29.36 17.54 -9.03
N LEU C 225 -28.07 17.21 -8.97
CA LEU C 225 -27.09 17.83 -9.86
C LEU C 225 -26.96 17.14 -11.21
N GLY C 226 -27.77 16.10 -11.45
CA GLY C 226 -27.75 15.40 -12.73
C GLY C 226 -26.57 14.47 -12.85
N GLY C 227 -26.35 13.99 -14.07
CA GLY C 227 -25.18 13.20 -14.44
C GLY C 227 -24.36 13.92 -15.48
N GLY C 228 -23.94 13.19 -16.50
CA GLY C 228 -23.20 13.77 -17.61
C GLY C 228 -21.72 13.99 -17.35
N ILE C 229 -21.17 13.24 -16.40
CA ILE C 229 -19.72 13.09 -16.29
C ILE C 229 -19.33 12.22 -17.47
N GLY C 230 -18.45 12.75 -18.31
CA GLY C 230 -18.14 12.13 -19.58
C GLY C 230 -17.15 11.01 -19.49
N VAL C 231 -17.07 10.26 -20.57
CA VAL C 231 -16.09 9.22 -20.78
C VAL C 231 -15.41 9.48 -22.12
N ASN C 232 -14.10 9.28 -22.15
CA ASN C 232 -13.30 9.53 -23.33
C ASN C 232 -13.10 8.23 -24.10
N TYR C 233 -13.66 8.19 -25.31
CA TYR C 233 -13.56 7.02 -26.19
C TYR C 233 -12.40 7.10 -27.20
N ALA C 234 -11.68 8.22 -27.23
CA ALA C 234 -10.57 8.43 -28.15
C ALA C 234 -9.24 8.10 -27.47
N ASP C 235 -8.92 8.85 -26.42
CA ASP C 235 -7.75 8.59 -25.58
C ASP C 235 -8.29 7.98 -24.30
N LEU C 236 -8.15 6.66 -24.16
CA LEU C 236 -8.75 5.93 -23.04
C LEU C 236 -8.13 6.26 -21.69
N THR C 237 -6.88 6.75 -21.70
CA THR C 237 -6.16 7.11 -20.47
C THR C 237 -6.34 8.57 -20.06
N SER C 238 -7.04 9.36 -20.87
CA SER C 238 -7.33 10.77 -20.56
C SER C 238 -8.80 10.96 -20.18
N GLN C 239 -9.19 10.46 -19.00
CA GLN C 239 -10.59 10.46 -18.56
C GLN C 239 -10.93 11.67 -17.68
N PHE C 240 -12.19 11.78 -17.28
CA PHE C 240 -12.65 12.85 -16.40
C PHE C 240 -11.88 12.80 -15.08
N GLU C 241 -11.36 13.94 -14.65
CA GLU C 241 -10.53 14.02 -13.45
C GLU C 241 -11.46 13.99 -12.22
N TRP C 242 -11.86 12.80 -11.81
CA TRP C 242 -12.84 12.66 -10.71
C TRP C 242 -12.28 13.19 -9.38
N ASP C 243 -11.06 12.79 -9.02
CA ASP C 243 -10.45 13.23 -7.75
C ASP C 243 -10.30 14.77 -7.66
N ASN C 244 -9.87 15.40 -8.74
CA ASN C 244 -9.82 16.87 -8.79
C ASN C 244 -11.20 17.50 -8.65
N PHE C 245 -12.17 16.97 -9.39
CA PHE C 245 -13.53 17.46 -9.37
C PHE C 245 -14.14 17.44 -7.97
N VAL C 246 -14.06 16.30 -7.28
N VAL C 246 -14.02 16.30 -7.30
CA VAL C 246 -14.68 16.17 -5.95
CA VAL C 246 -14.66 16.12 -6.00
C VAL C 246 -14.01 17.03 -4.88
C VAL C 246 -14.00 16.95 -4.88
N GLU C 247 -12.70 17.21 -4.99
CA GLU C 247 -11.97 18.13 -4.10
C GLU C 247 -12.49 19.57 -4.23
N ASN C 248 -12.59 20.06 -5.46
CA ASN C 248 -13.13 21.39 -5.75
C ASN C 248 -14.66 21.50 -5.51
N PHE C 249 -15.38 20.38 -5.69
CA PHE C 249 -16.81 20.29 -5.37
C PHE C 249 -17.06 20.52 -3.87
N LYS C 250 -16.29 19.82 -3.04
CA LYS C 250 -16.35 19.98 -1.58
C LYS C 250 -16.09 21.41 -1.12
N THR C 251 -15.04 22.00 -1.67
CA THR C 251 -14.72 23.42 -1.43
C THR C 251 -15.88 24.31 -1.82
N LEU C 252 -16.45 24.06 -3.00
CA LEU C 252 -17.56 24.87 -3.51
C LEU C 252 -18.78 24.83 -2.61
N ILE C 253 -19.07 23.66 -2.06
CA ILE C 253 -20.19 23.46 -1.13
C ILE C 253 -20.04 24.32 0.13
N VAL C 254 -18.83 24.34 0.69
CA VAL C 254 -18.56 25.09 1.93
C VAL C 254 -18.63 26.58 1.61
N GLU C 255 -17.97 26.97 0.53
CA GLU C 255 -17.92 28.36 0.06
C GLU C 255 -19.30 28.94 -0.26
N GLN C 256 -20.18 28.12 -0.86
CA GLN C 256 -21.55 28.55 -1.19
C GLN C 256 -22.57 28.25 -0.07
N GLU C 257 -22.09 27.78 1.08
CA GLU C 257 -22.92 27.48 2.25
C GLU C 257 -24.04 26.49 1.93
N MET C 258 -23.69 25.39 1.27
CA MET C 258 -24.66 24.36 0.86
C MET C 258 -24.58 23.09 1.72
N GLU C 259 -23.92 23.16 2.87
CA GLU C 259 -23.67 21.97 3.69
C GLU C 259 -24.96 21.40 4.31
N ASP C 260 -25.97 22.24 4.50
CA ASP C 260 -27.29 21.82 5.01
C ASP C 260 -28.32 21.45 3.93
N VAL C 261 -27.92 21.49 2.67
CA VAL C 261 -28.75 21.05 1.56
C VAL C 261 -28.21 19.69 1.12
N THR C 262 -29.09 18.69 1.02
CA THR C 262 -28.69 17.37 0.50
C THR C 262 -28.58 17.46 -1.02
N LEU C 263 -27.68 16.67 -1.57
CA LEU C 263 -27.39 16.70 -3.00
C LEU C 263 -27.30 15.28 -3.51
N ASN C 264 -27.53 15.10 -4.81
CA ASN C 264 -27.18 13.84 -5.46
C ASN C 264 -26.70 14.02 -6.90
N PHE C 265 -25.90 13.05 -7.32
CA PHE C 265 -25.57 12.85 -8.71
C PHE C 265 -26.38 11.64 -9.18
N GLU C 266 -26.60 11.58 -10.49
CA GLU C 266 -27.28 10.47 -11.12
C GLU C 266 -26.49 10.14 -12.38
N CYS C 267 -25.44 9.35 -12.21
CA CYS C 267 -24.55 9.03 -13.33
C CYS C 267 -24.82 7.63 -13.85
N GLY C 268 -24.71 7.47 -15.16
CA GLY C 268 -24.77 6.17 -15.80
C GLY C 268 -23.46 5.88 -16.49
N ARG C 269 -23.13 6.69 -17.48
CA ARG C 269 -22.01 6.41 -18.38
C ARG C 269 -20.69 6.14 -17.68
N PHE C 270 -20.22 7.07 -16.85
CA PHE C 270 -18.88 6.91 -16.25
C PHE C 270 -18.82 5.90 -15.10
N ILE C 271 -19.98 5.43 -14.63
CA ILE C 271 -20.06 4.35 -13.65
C ILE C 271 -19.68 2.97 -14.23
N VAL C 272 -20.15 2.68 -15.46
CA VAL C 272 -20.04 1.33 -16.03
C VAL C 272 -19.29 1.20 -17.36
N ALA C 273 -18.94 2.32 -18.00
CA ALA C 273 -18.38 2.27 -19.36
C ALA C 273 -17.13 1.39 -19.47
N HIS C 274 -16.21 1.58 -18.52
CA HIS C 274 -14.87 1.01 -18.63
C HIS C 274 -14.75 -0.46 -18.18
N ILE C 275 -15.80 -0.99 -17.56
CA ILE C 275 -15.79 -2.38 -17.07
C ILE C 275 -16.51 -3.36 -17.99
N GLY C 276 -16.94 -2.90 -19.16
CA GLY C 276 -17.59 -3.73 -20.17
C GLY C 276 -16.77 -3.82 -21.45
N TYR C 277 -16.79 -5.01 -22.06
CA TYR C 277 -16.11 -5.30 -23.32
C TYR C 277 -17.06 -6.06 -24.23
N TYR C 278 -17.05 -5.72 -25.52
CA TYR C 278 -17.77 -6.48 -26.55
C TYR C 278 -16.71 -7.16 -27.39
N VAL C 279 -16.71 -8.50 -27.36
CA VAL C 279 -15.59 -9.30 -27.86
C VAL C 279 -16.13 -10.22 -28.96
N THR C 280 -15.44 -10.25 -30.10
CA THR C 280 -15.98 -10.95 -31.29
C THR C 280 -14.93 -11.42 -32.28
N GLU C 281 -15.15 -12.58 -32.90
N GLU C 281 -15.18 -12.58 -32.90
CA GLU C 281 -14.17 -13.16 -33.81
CA GLU C 281 -14.24 -13.22 -33.84
C GLU C 281 -14.35 -12.66 -35.24
C GLU C 281 -14.36 -12.65 -35.26
N VAL C 282 -13.24 -12.63 -35.97
CA VAL C 282 -13.22 -12.22 -37.38
C VAL C 282 -13.72 -13.39 -38.24
N LEU C 283 -14.82 -13.18 -38.96
CA LEU C 283 -15.38 -14.20 -39.86
C LEU C 283 -14.85 -14.12 -41.29
N ASP C 284 -14.52 -12.92 -41.74
CA ASP C 284 -14.09 -12.73 -43.12
C ASP C 284 -13.29 -11.45 -43.25
N ILE C 285 -12.38 -11.44 -44.21
CA ILE C 285 -11.63 -10.25 -44.60
C ILE C 285 -11.68 -10.17 -46.12
N LYS C 286 -12.02 -9.00 -46.64
CA LYS C 286 -12.15 -8.82 -48.08
C LYS C 286 -11.80 -7.42 -48.49
N LYS C 287 -11.43 -7.27 -49.77
CA LYS C 287 -11.18 -5.97 -50.39
C LYS C 287 -12.25 -5.70 -51.42
N VAL C 288 -12.94 -4.56 -51.29
CA VAL C 288 -14.01 -4.20 -52.20
C VAL C 288 -13.76 -2.80 -52.77
N HIS C 289 -13.54 -2.73 -54.08
CA HIS C 289 -13.24 -1.49 -54.78
C HIS C 289 -12.20 -0.65 -54.04
N GLY C 290 -11.07 -1.29 -53.73
CA GLY C 290 -9.92 -0.62 -53.13
C GLY C 290 -9.91 -0.42 -51.63
N ALA C 291 -10.94 -0.88 -50.92
CA ALA C 291 -11.08 -0.67 -49.48
C ALA C 291 -11.16 -2.01 -48.75
N TRP C 292 -10.48 -2.11 -47.60
CA TRP C 292 -10.43 -3.36 -46.84
C TRP C 292 -11.52 -3.43 -45.75
N TYR C 293 -12.16 -4.59 -45.63
CA TYR C 293 -13.19 -4.84 -44.62
C TYR C 293 -12.85 -6.09 -43.83
N ALA C 294 -13.11 -6.05 -42.52
CA ALA C 294 -13.12 -7.26 -41.69
C ALA C 294 -14.54 -7.43 -41.16
N ILE C 295 -15.12 -8.60 -41.43
CA ILE C 295 -16.48 -8.93 -41.04
C ILE C 295 -16.44 -9.74 -39.76
N LEU C 296 -17.10 -9.23 -38.72
CA LEU C 296 -17.04 -9.80 -37.37
C LEU C 296 -18.36 -10.49 -37.01
N ARG C 297 -18.29 -11.47 -36.13
CA ARG C 297 -19.51 -12.09 -35.60
C ARG C 297 -20.24 -11.05 -34.75
N GLY C 298 -21.56 -11.13 -34.73
CA GLY C 298 -22.38 -10.13 -34.06
C GLY C 298 -22.64 -8.96 -34.97
N GLY C 299 -22.68 -7.76 -34.40
CA GLY C 299 -22.96 -6.56 -35.17
C GLY C 299 -23.34 -5.37 -34.32
N THR C 300 -23.68 -4.28 -34.99
CA THR C 300 -24.08 -3.05 -34.32
C THR C 300 -25.53 -3.09 -33.78
N GLN C 301 -26.27 -4.14 -34.09
CA GLN C 301 -27.55 -4.41 -33.43
C GLN C 301 -27.37 -5.07 -32.05
N GLN C 302 -26.17 -5.57 -31.78
CA GLN C 302 -25.77 -5.98 -30.43
C GLN C 302 -25.01 -4.86 -29.69
N PHE C 303 -24.23 -4.08 -30.44
CA PHE C 303 -23.39 -3.03 -29.88
C PHE C 303 -23.44 -1.78 -30.78
N ARG C 304 -24.46 -0.95 -30.56
CA ARG C 304 -24.80 0.16 -31.46
C ARG C 304 -24.05 1.46 -31.16
N LEU C 305 -23.35 1.50 -30.03
CA LEU C 305 -22.65 2.72 -29.57
C LEU C 305 -21.82 3.42 -30.67
N PRO C 306 -20.95 2.68 -31.38
CA PRO C 306 -20.16 3.30 -32.47
C PRO C 306 -20.98 4.02 -33.55
N VAL C 307 -22.15 3.48 -33.89
CA VAL C 307 -23.01 4.08 -34.91
C VAL C 307 -23.81 5.26 -34.35
N SER C 308 -24.37 5.11 -33.16
CA SER C 308 -25.08 6.21 -32.48
C SER C 308 -24.16 7.44 -32.34
N TRP C 309 -22.91 7.20 -31.96
CA TRP C 309 -21.92 8.25 -31.76
C TRP C 309 -21.12 8.63 -33.02
N GLN C 310 -21.18 7.80 -34.06
CA GLN C 310 -20.48 8.05 -35.33
C GLN C 310 -18.97 8.22 -35.09
N HIS C 311 -18.40 7.34 -34.27
CA HIS C 311 -16.96 7.32 -34.02
C HIS C 311 -16.39 5.95 -34.34
N ASN C 312 -15.08 5.88 -34.40
CA ASN C 312 -14.36 4.61 -34.41
C ASN C 312 -14.22 4.16 -32.98
N HIS C 313 -14.89 3.06 -32.62
CA HIS C 313 -14.86 2.60 -31.25
C HIS C 313 -13.53 1.94 -30.98
N PRO C 314 -12.93 2.20 -29.79
CA PRO C 314 -11.61 1.68 -29.47
C PRO C 314 -11.62 0.17 -29.29
N PHE C 315 -10.60 -0.47 -29.84
CA PHE C 315 -10.49 -1.91 -29.78
C PHE C 315 -9.03 -2.36 -29.74
N GLU C 316 -8.84 -3.62 -29.39
CA GLU C 316 -7.56 -4.30 -29.48
C GLU C 316 -7.77 -5.63 -30.17
N ILE C 317 -6.71 -6.14 -30.79
CA ILE C 317 -6.77 -7.39 -31.53
C ILE C 317 -6.04 -8.50 -30.78
N TYR C 318 -6.76 -9.56 -30.46
CA TYR C 318 -6.18 -10.81 -29.97
C TYR C 318 -5.83 -11.67 -31.19
N ARG C 319 -4.54 -11.97 -31.36
CA ARG C 319 -4.04 -12.71 -32.51
C ARG C 319 -3.97 -14.20 -32.19
N TYR C 320 -4.77 -14.99 -32.90
CA TYR C 320 -4.96 -16.42 -32.61
C TYR C 320 -4.03 -17.27 -33.50
N LYS C 321 -3.28 -18.17 -32.89
CA LYS C 321 -2.23 -18.94 -33.59
C LYS C 321 -2.78 -20.02 -34.52
N ASP C 322 -3.81 -20.74 -34.08
CA ASP C 322 -4.28 -21.95 -34.76
C ASP C 322 -5.30 -21.72 -35.89
N ASN C 323 -5.40 -22.73 -36.75
CA ASN C 323 -6.25 -22.70 -37.94
C ASN C 323 -7.15 -23.94 -37.93
N PRO C 324 -8.47 -23.74 -37.79
CA PRO C 324 -9.39 -24.87 -37.76
C PRO C 324 -9.71 -25.45 -39.15
N TYR C 325 -9.38 -24.74 -40.23
CA TYR C 325 -9.67 -25.16 -41.61
C TYR C 325 -8.42 -25.70 -42.31
N SER C 326 -8.63 -26.39 -43.42
CA SER C 326 -7.54 -26.94 -44.23
C SER C 326 -6.99 -25.96 -45.27
N PHE C 327 -7.63 -24.79 -45.38
CA PHE C 327 -7.18 -23.71 -46.27
C PHE C 327 -6.62 -22.58 -45.43
N GLU C 328 -5.87 -21.70 -46.09
CA GLU C 328 -5.24 -20.57 -45.41
C GLU C 328 -6.24 -19.56 -44.89
N LYS C 329 -5.85 -18.85 -43.84
CA LYS C 329 -6.61 -17.72 -43.33
C LYS C 329 -6.49 -16.58 -44.33
N VAL C 330 -7.44 -15.66 -44.30
CA VAL C 330 -7.29 -14.38 -45.00
C VAL C 330 -6.63 -13.46 -44.00
N SER C 331 -5.52 -12.85 -44.40
CA SER C 331 -4.75 -11.95 -43.53
C SER C 331 -4.43 -10.67 -44.26
N ILE C 332 -4.35 -9.57 -43.51
CA ILE C 332 -3.84 -8.33 -44.06
C ILE C 332 -2.86 -7.66 -43.12
N SER C 333 -2.03 -6.79 -43.70
CA SER C 333 -0.91 -6.17 -43.00
C SER C 333 -0.86 -4.67 -43.31
N ARG C 334 -0.93 -3.85 -42.28
CA ARG C 334 -0.72 -2.41 -42.38
C ARG C 334 -1.68 -1.75 -43.38
N GLN C 335 -2.97 -2.05 -43.23
CA GLN C 335 -4.02 -1.52 -44.08
C GLN C 335 -5.02 -0.74 -43.23
N ASP C 336 -5.55 0.34 -43.80
CA ASP C 336 -6.75 0.98 -43.26
C ASP C 336 -7.91 0.02 -43.49
N THR C 337 -8.64 -0.29 -42.42
CA THR C 337 -9.63 -1.37 -42.43
C THR C 337 -10.92 -0.86 -41.80
N THR C 338 -12.06 -1.27 -42.37
CA THR C 338 -13.36 -0.96 -41.81
C THR C 338 -13.89 -2.25 -41.15
N LEU C 339 -14.26 -2.13 -39.88
CA LEU C 339 -14.80 -3.26 -39.12
C LEU C 339 -16.31 -3.17 -39.18
N VAL C 340 -16.91 -4.28 -39.63
CA VAL C 340 -18.35 -4.39 -39.77
C VAL C 340 -18.80 -5.69 -39.13
N GLY C 341 -20.10 -5.78 -38.87
CA GLY C 341 -20.70 -7.00 -38.34
C GLY C 341 -21.30 -7.87 -39.43
N GLN C 342 -22.25 -8.71 -39.02
CA GLN C 342 -22.95 -9.63 -39.91
C GLN C 342 -24.17 -9.04 -40.64
N LEU C 343 -24.55 -7.81 -40.32
CA LEU C 343 -25.83 -7.29 -40.83
C LEU C 343 -25.79 -6.90 -42.30
N CYS C 344 -26.99 -6.76 -42.85
CA CYS C 344 -27.23 -6.51 -44.27
C CYS C 344 -27.42 -5.03 -44.60
N THR C 345 -26.76 -4.14 -43.85
CA THR C 345 -26.80 -2.70 -44.09
C THR C 345 -25.35 -2.16 -44.14
N PRO C 346 -25.07 -1.18 -45.02
CA PRO C 346 -23.75 -0.56 -44.96
C PRO C 346 -23.51 0.30 -43.70
N LYS C 347 -24.54 0.54 -42.89
CA LYS C 347 -24.40 1.24 -41.60
C LYS C 347 -23.87 0.38 -40.44
N ASP C 348 -23.69 -0.93 -40.66
CA ASP C 348 -23.20 -1.84 -39.63
C ASP C 348 -21.68 -1.74 -39.44
N VAL C 349 -21.23 -0.58 -38.95
CA VAL C 349 -19.80 -0.25 -38.88
C VAL C 349 -19.39 0.07 -37.45
N PHE C 350 -18.43 -0.71 -36.94
CA PHE C 350 -17.83 -0.47 -35.62
C PHE C 350 -16.72 0.58 -35.67
N ALA C 351 -16.00 0.62 -36.79
CA ALA C 351 -14.87 1.51 -36.97
C ALA C 351 -14.57 1.60 -38.45
N ARG C 352 -14.34 2.82 -38.94
CA ARG C 352 -14.15 3.08 -40.37
C ARG C 352 -12.69 3.43 -40.68
N GLU C 353 -12.09 2.65 -41.60
CA GLU C 353 -10.77 2.94 -42.16
C GLU C 353 -9.71 3.20 -41.10
N VAL C 354 -9.65 2.29 -40.13
CA VAL C 354 -8.68 2.35 -39.05
C VAL C 354 -7.47 1.55 -39.47
N GLN C 355 -6.28 2.10 -39.22
CA GLN C 355 -5.03 1.44 -39.54
C GLN C 355 -4.85 0.25 -38.61
N ILE C 356 -4.66 -0.93 -39.20
CA ILE C 356 -4.42 -2.15 -38.44
C ILE C 356 -3.09 -2.72 -38.88
N ASP C 357 -2.22 -2.99 -37.90
CA ASP C 357 -0.91 -3.57 -38.16
C ASP C 357 -1.04 -4.98 -38.76
N ALA C 358 -1.87 -5.81 -38.14
CA ALA C 358 -2.08 -7.17 -38.62
C ALA C 358 -3.40 -7.75 -38.12
N ILE C 359 -4.15 -8.39 -39.01
CA ILE C 359 -5.41 -9.05 -38.67
C ILE C 359 -5.67 -10.22 -39.61
N SER C 360 -6.18 -11.31 -39.05
CA SER C 360 -6.49 -12.52 -39.79
C SER C 360 -7.88 -13.00 -39.44
N THR C 361 -8.47 -13.80 -40.33
CA THR C 361 -9.70 -14.51 -40.03
C THR C 361 -9.43 -15.45 -38.86
N GLY C 362 -10.35 -15.49 -37.90
CA GLY C 362 -10.16 -16.25 -36.67
C GLY C 362 -9.60 -15.47 -35.50
N ASP C 363 -8.99 -14.31 -35.74
CA ASP C 363 -8.57 -13.42 -34.66
C ASP C 363 -9.79 -12.87 -33.93
N VAL C 364 -9.58 -12.31 -32.75
CA VAL C 364 -10.66 -11.77 -31.93
C VAL C 364 -10.46 -10.28 -31.71
N ILE C 365 -11.52 -9.51 -31.96
CA ILE C 365 -11.54 -8.06 -31.75
C ILE C 365 -12.15 -7.83 -30.37
N VAL C 366 -11.44 -7.09 -29.53
CA VAL C 366 -11.92 -6.74 -28.19
C VAL C 366 -12.26 -5.26 -28.20
N PHE C 367 -13.54 -4.94 -28.25
CA PHE C 367 -14.01 -3.56 -28.14
C PHE C 367 -14.05 -3.16 -26.67
N LYS C 368 -13.20 -2.20 -26.30
CA LYS C 368 -13.11 -1.72 -24.93
C LYS C 368 -14.17 -0.68 -24.66
N TYR C 369 -14.37 -0.31 -23.40
CA TYR C 369 -15.31 0.74 -23.02
C TYR C 369 -16.70 0.51 -23.63
N ALA C 370 -17.20 -0.70 -23.45
CA ALA C 370 -18.47 -1.15 -24.01
C ALA C 370 -19.58 -1.31 -22.96
N GLY C 371 -19.32 -0.90 -21.72
CA GLY C 371 -20.25 -1.18 -20.63
C GLY C 371 -21.46 -0.27 -20.53
N ALA C 372 -21.32 0.96 -21.00
CA ALA C 372 -22.38 1.98 -20.95
C ALA C 372 -22.95 2.18 -22.34
N TYR C 373 -24.28 2.18 -22.45
CA TYR C 373 -24.97 2.43 -23.72
C TYR C 373 -24.43 1.56 -24.86
N GLY C 374 -24.23 0.28 -24.56
CA GLY C 374 -23.73 -0.70 -25.52
C GLY C 374 -24.91 -1.58 -25.88
N TRP C 375 -25.06 -2.67 -25.13
CA TRP C 375 -26.22 -3.54 -25.24
C TRP C 375 -27.54 -2.78 -25.00
N SER C 376 -27.57 -1.88 -24.02
CA SER C 376 -28.81 -1.24 -23.60
C SER C 376 -29.51 -0.41 -24.69
N ILE C 377 -28.73 0.18 -25.61
CA ILE C 377 -29.30 1.01 -26.69
C ILE C 377 -29.46 0.27 -28.01
N SER C 378 -29.22 -1.05 -28.01
CA SER C 378 -29.05 -1.78 -29.26
C SER C 378 -30.32 -2.48 -29.71
N HIS C 379 -30.44 -2.63 -31.02
CA HIS C 379 -31.63 -3.22 -31.65
C HIS C 379 -31.42 -4.74 -31.77
N HIS C 380 -31.50 -5.39 -30.60
CA HIS C 380 -31.01 -6.77 -30.39
C HIS C 380 -31.48 -7.80 -31.42
N ASP C 381 -32.74 -7.70 -31.83
CA ASP C 381 -33.38 -8.72 -32.65
C ASP C 381 -33.53 -8.37 -34.14
N PHE C 382 -32.95 -7.25 -34.58
CA PHE C 382 -32.91 -6.94 -35.99
C PHE C 382 -32.10 -7.98 -36.74
N LEU C 383 -32.71 -8.58 -37.76
CA LEU C 383 -32.15 -9.71 -38.53
C LEU C 383 -32.10 -11.05 -37.76
N SER C 384 -32.73 -11.09 -36.58
CA SER C 384 -32.95 -12.30 -35.79
C SER C 384 -31.70 -13.11 -35.48
N HIS C 385 -30.59 -12.45 -35.18
CA HIS C 385 -29.36 -13.16 -34.80
C HIS C 385 -29.46 -13.59 -33.36
N PRO C 386 -28.78 -14.70 -32.99
CA PRO C 386 -28.74 -15.05 -31.57
C PRO C 386 -28.04 -13.96 -30.75
N HIS C 387 -28.53 -13.72 -29.55
CA HIS C 387 -27.91 -12.77 -28.63
C HIS C 387 -26.47 -13.21 -28.32
N PRO C 388 -25.58 -12.23 -28.02
CA PRO C 388 -24.25 -12.61 -27.56
C PRO C 388 -24.34 -13.23 -26.19
N GLU C 389 -23.34 -14.02 -25.84
CA GLU C 389 -23.26 -14.59 -24.49
C GLU C 389 -22.76 -13.50 -23.53
N PHE C 390 -23.23 -13.55 -22.28
CA PHE C 390 -22.83 -12.60 -21.25
C PHE C 390 -22.00 -13.29 -20.18
N ILE C 391 -20.78 -12.78 -19.93
CA ILE C 391 -19.93 -13.27 -18.85
C ILE C 391 -19.64 -12.15 -17.86
N TYR C 392 -20.01 -12.37 -16.59
CA TYR C 392 -19.71 -11.44 -15.50
C TYR C 392 -18.59 -12.03 -14.63
N LEU C 393 -17.41 -11.41 -14.65
CA LEU C 393 -16.23 -11.92 -13.95
C LEU C 393 -16.17 -11.42 -12.51
N THR C 394 -15.91 -12.35 -11.58
CA THR C 394 -15.87 -12.09 -10.12
C THR C 394 -14.51 -12.44 -9.52
N1 PLP D . 19.47 -9.76 -8.43
C2 PLP D . 18.37 -8.97 -8.32
C2A PLP D . 17.91 -8.17 -9.51
C3 PLP D . 17.65 -8.92 -7.04
O3 PLP D . 16.54 -8.15 -6.90
C4 PLP D . 18.14 -9.74 -5.91
C4A PLP D . 17.42 -9.71 -4.61
C5 PLP D . 19.36 -10.55 -6.17
C6 PLP D . 19.95 -10.51 -7.43
C5A PLP D . 19.99 -11.42 -5.10
O4P PLP D . 19.09 -12.42 -4.69
P PLP D . 19.60 -13.56 -3.68
O1P PLP D . 20.66 -14.32 -4.45
O2P PLP D . 18.34 -14.33 -3.41
O3P PLP D . 20.17 -12.84 -2.48
N1 PLP E . 3.39 1.86 26.49
C2 PLP E . 4.05 0.71 26.27
C2A PLP E . 4.61 -0.06 27.43
C3 PLP E . 4.22 0.23 24.87
O3 PLP E . 4.88 -0.94 24.62
C4 PLP E . 3.64 1.03 23.78
C4A PLP E . 3.80 0.56 22.37
C5 PLP E . 2.94 2.28 24.17
C6 PLP E . 2.86 2.62 25.51
C5A PLP E . 2.33 3.18 23.14
O4P PLP E . 1.42 2.45 22.33
P PLP E . 0.53 3.25 21.27
O1P PLP E . -0.34 2.18 20.68
O2P PLP E . -0.23 4.24 22.12
O3P PLP E . 1.55 3.90 20.36
N1 PLP F . -30.11 12.02 -15.63
C2 PLP F . -31.01 12.18 -16.62
C2A PLP F . -32.26 12.99 -16.40
C3 PLP F . -30.75 11.54 -17.93
O3 PLP F . -31.63 11.67 -18.96
C4 PLP F . -29.52 10.73 -18.11
C4A PLP F . -29.25 10.09 -19.41
C5 PLP F . -28.62 10.64 -16.92
C6 PLP F . -28.98 11.31 -15.75
C5A PLP F . -27.33 9.85 -16.98
O4P PLP F . -26.46 10.38 -17.96
P PLP F . -24.95 9.85 -18.10
O1P PLP F . -25.03 8.40 -18.47
O2P PLP F . -24.33 10.08 -16.75
O3P PLP F . -24.39 10.76 -19.15
#